data_8Y0N
#
_entry.id   8Y0N
#
_cell.length_a   1.00
_cell.length_b   1.00
_cell.length_c   1.00
_cell.angle_alpha   90.00
_cell.angle_beta   90.00
_cell.angle_gamma   90.00
#
_symmetry.space_group_name_H-M   'P 1'
#
loop_
_entity.id
_entity.type
_entity.pdbx_description
1 polymer 'Guanine nucleotide-binding protein G(o) subunit alpha'
2 polymer 'Guanine nucleotide-binding protein G(I)/G(S)/G(T) subunit beta-1'
3 polymer 'Guanine nucleotide-binding protein G(I)/G(S)/G(O) subunit gamma-2'
4 polymer 'Antibody fragment ScFv16'
5 polymer 'C-X-C chemokine receptor type 3'
6 non-polymer [(1~{R},5~{S})-6,6-dimethyl-2-bicyclo[3.1.1]hept-2-enyl]methyl-[[4-(2-iodanylphenyl)phenyl]methyl]-dimethyl-azanium
#
loop_
_entity_poly.entity_id
_entity_poly.type
_entity_poly.pdbx_seq_one_letter_code
_entity_poly.pdbx_strand_id
1 'polypeptide(L)'
;MGHHHHHHENLYFQGTLSAEERAALERSKAIEKNLKEDGISAAKDVKLLLLGADNSGKSTIVKQMKIIHGGSGGSGGTTG
IVETHFTFKNLHFRLFDVGGQRSERKKWIHCFEDVTAIIFCVDLSDYNRMHESLMLFDSICNNKFFIDTSIILFLNKKDL
FGEKIKKSPLTICFPEYTGPNTYEDAAAYIQAQFESKNRSPNKEIYCHMTCATDTNNAQVIFDAVTDIIIANNLRGCGLY
;
A
2 'polypeptide(L)'
;MHHHHHHGSSGSELDQLRQEAEQLKNQIRDARKACADATLSQITNNIDPVGRIQMRTRRTLRGHLAKIYAMHWGTDSRLL
VSASQDGKLIIWDSYTTNKVHAIPLRSSWVMTCAYAPSGNYVACGGLDNICSIYNLKTREGNVRVSRELAGHTGYLSCCR
FLDDNQIVTSSGDTTCALWDIETGQQTTTFTGHTGDVMSLSLAPDTRLFVSGACDASAKLWDVREGMCRQTFTGHESDIN
AICFFPNGNAFATGSDDATCRLFDLRADQELMTYSHDNIICGITSVSFSKSGRLLLAGYDDFNCNVWDALKADRAGVLAG
HDNRVSCLGVTDDGMAVATGSWDSFLKIWN
;
B
3 'polypeptide(L)' MASNNTASIAQARKLVEQLKMEANIDRIKVSKAAADLMAYCEAHAKEDPLLTPVPASENPFREKKFFCAIL G
4 'polypeptide(L)'
;DVQLVESGGGLVQPGGSRKLSCSASGFAFSSFGMHWVRQAPEKGLEWVAYISSGSGTIYYADTVKGRFTISRDDPKNTLF
LQMTSLRSEDTAMYYCVRSIYYYGSSPFDFWGQGTTLTVSSGGGGSGGGGSGGGGSDIVMTQATSSVPVTPGESVSISCR
SSKSLLHSNGNTYLYWFLQRPGQSPQLLIYRMSNLASGVPDRFSGSGSGTAFTLTISRLEAEDVGVYYCMQHLEYPLTFG
AGTKLELK
;
S
5 'polypeptide(L)'
;MGKTIIALSYIFCLVFADYKDDDDAANFTPVNGSSGNQSVRLVTSSSLEVLFQGPGSVLEVSDHQVLNDAEVAALLENFS
SSYDYGENESDSCCTSPPCPQDFSLNFDRAFLPALYSLLFLLGLLGNGAVAAVLLSRRTALSSTDTFLLHLAVADTLLVL
TLPLWAVDAAVQWVFGSGLCKVAGALFNINFYAGALLLACISFDRYLNIVHATQLYRRGPPARVTLTCLAVWGLCLLFAL
PDFIFLSAHHDERLNATHCQYNFPQVGRTALRVLQLVAGFLLPLLVMAYCYAHILAVLLVSRGQRRLRAMRLVVVVVVAF
ALCWTPYHLVVLVDILMDLGALARNCGRESRVDVAKSVTSGLGYMHCCLNPLLYAFVGVKFRERMWMLLLRLGCPNQRGL
QRQPSSSRRDSSWSETSEASYSGL
;
R
#
loop_
_chem_comp.id
_chem_comp.type
_chem_comp.name
_chem_comp.formula
A1LW2 non-polymer [(1~{R},5~{S})-6,6-dimethyl-2-bicyclo[3.1.1]hept-2-enyl]methyl-[[4-(2-iodanylphenyl)phenyl]methyl]-dimethyl-azanium 'C25 H31 I N 1'
#
# COMPACT_ATOMS: atom_id res chain seq x y z
N THR A 16 -7.59 21.65 7.45
CA THR A 16 -7.85 22.08 6.08
C THR A 16 -8.47 23.47 6.03
N LEU A 17 -8.58 24.11 7.20
CA LEU A 17 -9.25 25.40 7.27
C LEU A 17 -8.51 26.45 6.46
N SER A 18 -7.18 26.48 6.55
CA SER A 18 -6.41 27.57 5.96
C SER A 18 -6.46 27.52 4.44
N ALA A 19 -6.26 28.69 3.83
CA ALA A 19 -6.32 28.79 2.37
C ALA A 19 -5.22 27.97 1.73
N GLU A 20 -4.06 27.91 2.33
CA GLU A 20 -2.95 27.20 1.71
C GLU A 20 -3.11 25.74 2.08
N GLU A 21 -3.70 25.45 3.24
CA GLU A 21 -3.98 24.07 3.61
C GLU A 21 -5.11 23.48 2.78
N ARG A 22 -5.98 24.34 2.21
CA ARG A 22 -7.00 23.85 1.30
C ARG A 22 -6.39 23.44 -0.03
N ALA A 23 -5.40 24.17 -0.50
CA ALA A 23 -4.76 23.84 -1.77
C ALA A 23 -3.90 22.58 -1.62
N ALA A 24 -3.30 22.38 -0.45
CA ALA A 24 -2.56 21.16 -0.21
C ALA A 24 -3.47 19.94 -0.25
N LEU A 25 -4.67 20.05 0.32
CA LEU A 25 -5.62 18.95 0.27
C LEU A 25 -6.03 18.65 -1.16
N GLU A 26 -6.23 19.68 -1.99
CA GLU A 26 -6.53 19.45 -3.39
C GLU A 26 -5.40 18.69 -4.08
N ARG A 27 -4.15 19.07 -3.81
CA ARG A 27 -3.03 18.40 -4.44
C ARG A 27 -2.98 16.94 -4.05
N SER A 28 -3.28 16.62 -2.79
CA SER A 28 -3.28 15.24 -2.36
C SER A 28 -4.30 14.43 -3.13
N LYS A 29 -5.49 14.99 -3.34
CA LYS A 29 -6.53 14.27 -4.08
C LYS A 29 -6.13 14.07 -5.54
N ALA A 30 -5.46 15.05 -6.15
CA ALA A 30 -5.00 14.89 -7.51
C ALA A 30 -3.98 13.75 -7.61
N ILE A 31 -3.16 13.59 -6.58
CA ILE A 31 -2.22 12.47 -6.56
C ILE A 31 -2.97 11.16 -6.41
N GLU A 32 -3.92 11.10 -5.47
CA GLU A 32 -4.69 9.88 -5.26
C GLU A 32 -5.39 9.44 -6.56
N LYS A 33 -5.93 10.39 -7.31
CA LYS A 33 -6.58 10.06 -8.56
C LYS A 33 -5.59 9.45 -9.54
N ASN A 34 -4.38 10.01 -9.63
CA ASN A 34 -3.39 9.46 -10.54
C ASN A 34 -2.91 8.09 -10.10
N LEU A 35 -2.78 7.88 -8.79
CA LEU A 35 -2.41 6.56 -8.30
C LEU A 35 -3.47 5.52 -8.66
N LYS A 36 -4.74 5.87 -8.50
CA LYS A 36 -5.81 4.95 -8.84
C LYS A 36 -5.80 4.62 -10.32
N GLU A 37 -5.67 5.63 -11.18
CA GLU A 37 -5.67 5.38 -12.61
C GLU A 37 -4.49 4.51 -13.02
N ASP A 38 -3.32 4.74 -12.42
CA ASP A 38 -2.16 3.91 -12.74
C ASP A 38 -2.42 2.46 -12.34
N GLY A 39 -3.08 2.26 -11.20
CA GLY A 39 -3.42 0.90 -10.80
C GLY A 39 -4.36 0.23 -11.78
N ILE A 40 -5.35 0.97 -12.29
CA ILE A 40 -6.27 0.42 -13.28
C ILE A 40 -5.51 0.03 -14.54
N SER A 41 -4.64 0.92 -15.04
CA SER A 41 -3.94 0.64 -16.28
C SER A 41 -2.94 -0.49 -16.13
N ALA A 42 -2.59 -0.88 -14.90
CA ALA A 42 -1.65 -1.96 -14.64
C ALA A 42 -2.35 -3.12 -13.94
N ALA A 43 -3.59 -3.39 -14.32
CA ALA A 43 -4.36 -4.48 -13.74
C ALA A 43 -4.51 -5.68 -14.66
N LYS A 44 -4.47 -5.45 -15.98
CA LYS A 44 -4.61 -6.53 -16.95
C LYS A 44 -3.29 -7.19 -17.28
N ASP A 45 -2.29 -7.07 -16.41
CA ASP A 45 -0.96 -7.61 -16.66
C ASP A 45 -0.74 -8.85 -15.81
N VAL A 46 -0.27 -9.92 -16.45
CA VAL A 46 0.04 -11.18 -15.78
C VAL A 46 1.55 -11.26 -15.65
N LYS A 47 2.03 -11.51 -14.42
CA LYS A 47 3.45 -11.55 -14.13
C LYS A 47 3.90 -13.00 -14.05
N LEU A 48 4.89 -13.36 -14.87
CA LEU A 48 5.44 -14.70 -14.92
C LEU A 48 6.94 -14.66 -14.67
N LEU A 49 7.42 -15.56 -13.83
CA LEU A 49 8.83 -15.61 -13.46
C LEU A 49 9.53 -16.66 -14.30
N LEU A 50 10.65 -16.28 -14.92
CA LEU A 50 11.43 -17.18 -15.74
C LEU A 50 12.59 -17.74 -14.92
N LEU A 51 12.82 -19.04 -15.02
CA LEU A 51 13.88 -19.70 -14.28
C LEU A 51 14.54 -20.75 -15.17
N GLY A 52 15.64 -21.28 -14.70
CA GLY A 52 16.37 -22.32 -15.41
C GLY A 52 17.85 -22.00 -15.45
N ALA A 53 18.63 -22.98 -15.93
CA ALA A 53 20.06 -22.83 -16.05
C ALA A 53 20.40 -22.03 -17.30
N ASP A 54 21.70 -21.80 -17.51
CA ASP A 54 22.15 -21.07 -18.68
C ASP A 54 22.02 -21.92 -19.94
N ASN A 55 21.94 -21.25 -21.08
CA ASN A 55 21.82 -21.93 -22.37
C ASN A 55 20.59 -22.84 -22.42
N SER A 56 19.60 -22.55 -21.59
CA SER A 56 18.39 -23.35 -21.52
C SER A 56 17.28 -22.84 -22.43
N GLY A 57 17.57 -21.85 -23.27
CA GLY A 57 16.55 -21.26 -24.11
C GLY A 57 15.63 -20.31 -23.41
N LYS A 58 15.94 -19.94 -22.16
CA LYS A 58 15.07 -19.05 -21.40
C LYS A 58 15.01 -17.64 -21.97
N SER A 59 15.88 -17.31 -22.92
CA SER A 59 15.85 -16.01 -23.57
C SER A 59 15.17 -16.04 -24.93
N THR A 60 14.72 -17.20 -25.39
CA THR A 60 14.15 -17.34 -26.72
C THR A 60 12.92 -18.25 -26.70
N ILE A 61 12.07 -18.08 -25.69
CA ILE A 61 10.84 -18.87 -25.63
C ILE A 61 9.82 -18.36 -26.64
N VAL A 62 9.41 -17.09 -26.48
CA VAL A 62 8.44 -16.46 -27.36
C VAL A 62 9.18 -15.49 -28.27
N LYS A 63 9.01 -15.64 -29.57
CA LYS A 63 9.76 -14.83 -30.52
C LYS A 63 9.31 -13.38 -30.55
N GLN A 64 8.17 -13.06 -29.93
CA GLN A 64 7.72 -11.68 -29.79
C GLN A 64 8.29 -11.13 -28.49
N MET A 65 9.54 -10.68 -28.55
CA MET A 65 10.24 -10.30 -27.32
C MET A 65 9.85 -8.90 -26.86
N LYS A 66 10.21 -7.88 -27.63
CA LYS A 66 10.01 -6.49 -27.21
C LYS A 66 10.52 -6.30 -25.78
N ILE A 67 11.84 -6.43 -25.65
CA ILE A 67 12.47 -6.50 -24.33
C ILE A 67 11.94 -5.40 -23.41
N ILE A 68 12.13 -4.14 -23.80
CA ILE A 68 11.66 -3.03 -22.98
C ILE A 68 11.93 -1.71 -23.69
N THR A 79 23.35 -5.71 -16.48
CA THR A 79 23.18 -6.62 -15.36
C THR A 79 22.04 -6.16 -14.46
N GLY A 80 21.40 -7.11 -13.78
CA GLY A 80 20.29 -6.81 -12.90
C GLY A 80 19.14 -7.76 -13.09
N ILE A 81 17.96 -7.23 -13.36
CA ILE A 81 16.78 -8.03 -13.66
C ILE A 81 16.24 -7.58 -15.01
N VAL A 82 15.99 -8.53 -15.89
CA VAL A 82 15.53 -8.27 -17.25
C VAL A 82 14.03 -8.56 -17.31
N GLU A 83 13.30 -7.70 -18.01
CA GLU A 83 11.86 -7.85 -18.18
C GLU A 83 11.51 -7.91 -19.65
N THR A 84 10.44 -8.65 -19.96
CA THR A 84 9.90 -8.74 -21.31
C THR A 84 8.38 -8.68 -21.20
N HIS A 85 7.74 -7.91 -22.07
CA HIS A 85 6.36 -7.51 -21.90
C HIS A 85 5.56 -7.69 -23.18
N PHE A 86 5.67 -8.86 -23.80
CA PHE A 86 4.84 -9.15 -24.95
C PHE A 86 3.37 -9.21 -24.54
N THR A 87 2.49 -8.89 -25.49
CA THR A 87 1.05 -8.91 -25.29
C THR A 87 0.41 -9.88 -26.26
N PHE A 88 -0.67 -10.54 -25.82
CA PHE A 88 -1.26 -11.62 -26.60
C PHE A 88 -2.68 -11.86 -26.12
N LYS A 89 -3.64 -11.85 -27.04
CA LYS A 89 -5.03 -12.17 -26.77
C LYS A 89 -5.57 -11.35 -25.59
N ASN A 90 -5.58 -10.03 -25.79
CA ASN A 90 -6.22 -9.12 -24.84
C ASN A 90 -5.70 -9.36 -23.42
N LEU A 91 -4.38 -9.53 -23.30
CA LEU A 91 -3.77 -9.77 -22.00
C LEU A 91 -2.30 -9.39 -22.08
N HIS A 92 -1.78 -8.80 -21.02
CA HIS A 92 -0.40 -8.29 -20.98
C HIS A 92 0.43 -9.25 -20.15
N PHE A 93 1.43 -9.87 -20.76
CA PHE A 93 2.29 -10.84 -20.11
C PHE A 93 3.66 -10.21 -19.85
N ARG A 94 4.13 -10.31 -18.62
CA ARG A 94 5.44 -9.80 -18.22
C ARG A 94 6.30 -10.97 -17.77
N LEU A 95 7.44 -11.15 -18.43
CA LEU A 95 8.36 -12.25 -18.12
C LEU A 95 9.61 -11.68 -17.47
N PHE A 96 9.87 -12.10 -16.23
CA PHE A 96 10.97 -11.58 -15.43
C PHE A 96 12.09 -12.61 -15.39
N ASP A 97 13.28 -12.20 -15.83
CA ASP A 97 14.46 -13.04 -15.81
C ASP A 97 15.40 -12.55 -14.71
N VAL A 98 15.75 -13.44 -13.79
CA VAL A 98 16.57 -13.08 -12.64
C VAL A 98 18.01 -13.58 -12.79
N GLY A 99 18.42 -13.92 -14.01
CA GLY A 99 19.79 -14.34 -14.22
C GLY A 99 20.77 -13.21 -13.97
N GLY A 100 22.00 -13.59 -13.62
CA GLY A 100 23.04 -12.63 -13.36
C GLY A 100 23.07 -12.09 -11.94
N GLN A 101 22.08 -12.44 -11.11
CA GLN A 101 22.10 -11.99 -9.73
C GLN A 101 23.26 -12.59 -8.97
N ARG A 102 23.54 -13.88 -9.18
CA ARG A 102 24.67 -14.55 -8.55
C ARG A 102 24.64 -14.38 -7.03
N SER A 103 23.43 -14.46 -6.47
CA SER A 103 23.25 -14.29 -5.03
C SER A 103 22.48 -15.48 -4.47
N GLU A 104 22.08 -15.39 -3.21
CA GLU A 104 21.28 -16.44 -2.58
C GLU A 104 19.81 -16.15 -2.85
N ARG A 105 19.14 -17.08 -3.53
CA ARG A 105 17.76 -16.85 -3.95
C ARG A 105 16.86 -16.52 -2.77
N LYS A 106 17.16 -17.06 -1.59
CA LYS A 106 16.24 -16.96 -0.47
C LYS A 106 15.92 -15.51 -0.13
N LYS A 107 16.82 -14.58 -0.45
CA LYS A 107 16.67 -13.21 0.00
C LYS A 107 16.00 -12.30 -1.01
N TRP A 108 15.86 -12.72 -2.27
CA TRP A 108 15.08 -11.97 -3.24
C TRP A 108 13.94 -12.77 -3.85
N ILE A 109 13.81 -14.06 -3.51
CA ILE A 109 12.75 -14.86 -4.11
C ILE A 109 11.38 -14.38 -3.63
N HIS A 110 11.28 -13.90 -2.39
CA HIS A 110 9.99 -13.45 -1.88
C HIS A 110 9.46 -12.24 -2.63
N CYS A 111 10.32 -11.54 -3.37
CA CYS A 111 9.85 -10.41 -4.18
C CYS A 111 8.87 -10.86 -5.25
N PHE A 112 8.94 -12.12 -5.68
CA PHE A 112 8.07 -12.66 -6.71
C PHE A 112 6.98 -13.56 -6.13
N GLU A 113 6.67 -13.42 -4.85
CA GLU A 113 5.70 -14.32 -4.22
C GLU A 113 4.35 -14.25 -4.91
N ASP A 114 4.03 -13.13 -5.54
CA ASP A 114 2.69 -12.90 -6.08
C ASP A 114 2.62 -13.10 -7.59
N VAL A 115 3.66 -13.66 -8.21
CA VAL A 115 3.59 -13.91 -9.64
C VAL A 115 2.49 -14.93 -9.92
N THR A 116 1.89 -14.83 -11.11
CA THR A 116 0.83 -15.74 -11.48
C THR A 116 1.35 -17.18 -11.60
N ALA A 117 2.51 -17.35 -12.24
CA ALA A 117 3.04 -18.68 -12.49
C ALA A 117 4.54 -18.57 -12.72
N ILE A 118 5.21 -19.71 -12.63
CA ILE A 118 6.64 -19.81 -12.85
C ILE A 118 6.85 -20.59 -14.14
N ILE A 119 7.58 -20.00 -15.09
CA ILE A 119 7.94 -20.68 -16.32
C ILE A 119 9.35 -21.23 -16.14
N PHE A 120 9.50 -22.53 -16.28
CA PHE A 120 10.77 -23.21 -16.12
C PHE A 120 11.22 -23.77 -17.46
N CYS A 121 12.48 -23.55 -17.80
CA CYS A 121 13.05 -24.03 -19.06
C CYS A 121 14.14 -25.04 -18.77
N VAL A 122 14.18 -26.10 -19.56
CA VAL A 122 15.19 -27.15 -19.43
C VAL A 122 15.70 -27.51 -20.81
N ASP A 123 17.00 -27.77 -20.91
CA ASP A 123 17.63 -28.20 -22.15
C ASP A 123 17.82 -29.71 -22.10
N LEU A 124 17.20 -30.42 -23.03
CA LEU A 124 17.28 -31.88 -23.06
C LEU A 124 18.56 -32.38 -23.69
N SER A 125 19.39 -31.52 -24.26
CA SER A 125 20.62 -31.92 -24.92
C SER A 125 21.86 -31.66 -24.08
N ASP A 126 21.72 -31.18 -22.85
CA ASP A 126 22.86 -30.88 -21.97
C ASP A 126 22.79 -31.83 -20.78
N TYR A 127 23.37 -33.02 -20.95
CA TYR A 127 23.30 -34.03 -19.90
C TYR A 127 23.99 -33.56 -18.63
N ASN A 128 25.19 -32.98 -18.76
CA ASN A 128 25.96 -32.60 -17.59
C ASN A 128 25.26 -31.53 -16.78
N ARG A 129 24.37 -30.77 -17.40
CA ARG A 129 23.61 -29.74 -16.70
C ARG A 129 22.24 -30.21 -16.24
N MET A 130 21.87 -31.46 -16.53
CA MET A 130 20.57 -31.97 -16.10
C MET A 130 20.45 -31.98 -14.58
N HIS A 131 21.50 -32.43 -13.89
CA HIS A 131 21.43 -32.52 -12.44
C HIS A 131 21.25 -31.15 -11.79
N GLU A 132 21.95 -30.13 -12.30
CA GLU A 132 21.76 -28.80 -11.76
C GLU A 132 20.32 -28.32 -11.98
N SER A 133 19.75 -28.62 -13.15
CA SER A 133 18.36 -28.23 -13.38
C SER A 133 17.42 -28.92 -12.42
N LEU A 134 17.63 -30.22 -12.17
CA LEU A 134 16.78 -30.92 -11.23
C LEU A 134 16.92 -30.34 -9.82
N MET A 135 18.14 -30.03 -9.40
CA MET A 135 18.33 -29.42 -8.10
C MET A 135 17.63 -28.07 -8.02
N LEU A 136 17.72 -27.28 -9.08
CA LEU A 136 16.99 -26.01 -9.14
C LEU A 136 15.48 -26.25 -9.01
N PHE A 137 14.95 -27.19 -9.79
CA PHE A 137 13.51 -27.41 -9.78
C PHE A 137 13.01 -27.83 -8.40
N ASP A 138 13.74 -28.73 -7.74
CA ASP A 138 13.31 -29.20 -6.43
C ASP A 138 13.26 -28.06 -5.42
N SER A 139 14.27 -27.20 -5.43
CA SER A 139 14.31 -26.09 -4.47
C SER A 139 13.18 -25.11 -4.74
N ILE A 140 12.94 -24.78 -6.00
CA ILE A 140 11.90 -23.80 -6.33
C ILE A 140 10.52 -24.39 -6.08
N CYS A 141 10.29 -25.63 -6.51
CA CYS A 141 8.96 -26.21 -6.39
C CYS A 141 8.49 -26.30 -4.94
N ASN A 142 9.43 -26.46 -4.00
CA ASN A 142 9.09 -26.64 -2.60
C ASN A 142 9.38 -25.41 -1.75
N ASN A 143 9.67 -24.27 -2.37
CA ASN A 143 9.87 -23.05 -1.60
C ASN A 143 8.61 -22.69 -0.83
N LYS A 144 8.78 -22.18 0.39
CA LYS A 144 7.62 -21.86 1.21
C LYS A 144 6.76 -20.78 0.57
N PHE A 145 7.39 -19.89 -0.21
CA PHE A 145 6.64 -18.82 -0.85
C PHE A 145 5.85 -19.30 -2.06
N PHE A 146 6.38 -20.28 -2.79
CA PHE A 146 5.74 -20.80 -4.00
C PHE A 146 4.93 -22.06 -3.72
N ILE A 147 4.32 -22.17 -2.54
CA ILE A 147 3.51 -23.34 -2.22
C ILE A 147 2.23 -23.40 -3.05
N ASP A 148 1.83 -22.30 -3.69
CA ASP A 148 0.60 -22.26 -4.46
C ASP A 148 0.80 -21.87 -5.92
N THR A 149 1.95 -21.33 -6.30
CA THR A 149 2.15 -20.89 -7.67
C THR A 149 2.40 -22.09 -8.57
N SER A 150 1.61 -22.22 -9.63
CA SER A 150 1.79 -23.30 -10.57
C SER A 150 3.04 -23.06 -11.42
N ILE A 151 3.51 -24.12 -12.07
CA ILE A 151 4.73 -24.10 -12.85
C ILE A 151 4.42 -24.53 -14.27
N ILE A 152 5.05 -23.86 -15.24
CA ILE A 152 4.95 -24.24 -16.64
C ILE A 152 6.31 -24.76 -17.07
N LEU A 153 6.47 -26.07 -17.14
CA LEU A 153 7.75 -26.66 -17.49
C LEU A 153 7.89 -26.76 -18.99
N PHE A 154 8.99 -26.24 -19.52
CA PHE A 154 9.33 -26.33 -20.94
C PHE A 154 10.53 -27.23 -21.10
N LEU A 155 10.43 -28.19 -22.00
CA LEU A 155 11.52 -29.11 -22.33
C LEU A 155 11.95 -28.80 -23.76
N ASN A 156 12.97 -27.98 -23.89
CA ASN A 156 13.32 -27.40 -25.19
C ASN A 156 14.27 -28.32 -25.96
N LYS A 157 14.44 -27.98 -27.25
CA LYS A 157 15.43 -28.61 -28.11
C LYS A 157 15.19 -30.11 -28.25
N LYS A 158 14.00 -30.45 -28.75
CA LYS A 158 13.71 -31.85 -29.03
C LYS A 158 14.60 -32.40 -30.13
N ASP A 159 14.81 -31.63 -31.19
CA ASP A 159 15.52 -32.15 -32.36
C ASP A 159 16.93 -32.60 -31.99
N LEU A 160 17.64 -31.80 -31.21
CA LEU A 160 18.97 -32.21 -30.76
C LEU A 160 18.88 -33.45 -29.88
N PHE A 161 17.86 -33.51 -29.01
CA PHE A 161 17.71 -34.67 -28.15
C PHE A 161 17.54 -35.94 -28.96
N GLY A 162 16.73 -35.88 -30.03
CA GLY A 162 16.56 -37.03 -30.90
C GLY A 162 17.82 -37.40 -31.63
N GLU A 163 18.63 -36.42 -32.02
CA GLU A 163 19.88 -36.70 -32.71
C GLU A 163 20.95 -37.20 -31.73
N LYS A 164 20.97 -36.67 -30.52
CA LYS A 164 22.01 -37.04 -29.56
C LYS A 164 21.75 -38.41 -28.94
N ILE A 165 20.48 -38.79 -28.76
CA ILE A 165 20.17 -40.04 -28.09
C ILE A 165 20.68 -41.23 -28.89
N LYS A 166 20.63 -41.14 -30.22
CA LYS A 166 21.08 -42.24 -31.06
C LYS A 166 22.56 -42.54 -30.82
N LYS A 167 23.39 -41.49 -30.78
CA LYS A 167 24.81 -41.70 -30.57
C LYS A 167 25.13 -42.05 -29.12
N SER A 168 24.49 -41.36 -28.18
CA SER A 168 24.76 -41.55 -26.76
C SER A 168 23.49 -41.99 -26.04
N PRO A 169 23.41 -43.21 -25.53
CA PRO A 169 22.19 -43.65 -24.84
C PRO A 169 21.96 -42.85 -23.58
N LEU A 170 20.68 -42.70 -23.22
CA LEU A 170 20.30 -41.98 -22.01
C LEU A 170 20.47 -42.90 -20.80
N THR A 171 21.74 -43.22 -20.53
CA THR A 171 22.08 -44.04 -19.38
C THR A 171 23.15 -43.33 -18.55
N ILE A 172 24.04 -42.59 -19.22
CA ILE A 172 25.09 -41.87 -18.51
C ILE A 172 24.48 -40.81 -17.59
N CYS A 173 23.47 -40.08 -18.07
CA CYS A 173 22.87 -39.03 -17.26
C CYS A 173 21.97 -39.61 -16.18
N PHE A 174 21.26 -40.70 -16.48
CA PHE A 174 20.34 -41.34 -15.54
C PHE A 174 20.70 -42.81 -15.46
N PRO A 175 21.63 -43.18 -14.59
CA PRO A 175 22.04 -44.60 -14.53
C PRO A 175 20.92 -45.55 -14.13
N GLU A 176 19.87 -45.05 -13.48
CA GLU A 176 18.76 -45.90 -13.04
C GLU A 176 17.73 -46.13 -14.14
N TYR A 177 17.90 -45.54 -15.31
CA TYR A 177 16.94 -45.75 -16.39
C TYR A 177 16.90 -47.21 -16.79
N THR A 178 15.69 -47.74 -16.96
CA THR A 178 15.49 -49.15 -17.27
C THR A 178 14.67 -49.39 -18.52
N GLY A 179 14.02 -48.36 -19.07
CA GLY A 179 13.19 -48.52 -20.25
C GLY A 179 14.02 -48.56 -21.52
N PRO A 180 13.33 -48.66 -22.65
CA PRO A 180 14.02 -48.73 -23.95
C PRO A 180 14.80 -47.46 -24.24
N ASN A 181 15.48 -47.43 -25.38
CA ASN A 181 16.29 -46.30 -25.80
C ASN A 181 15.64 -45.54 -26.95
N THR A 182 14.33 -45.40 -26.92
CA THR A 182 13.58 -44.70 -27.95
C THR A 182 13.18 -43.30 -27.45
N TYR A 183 12.93 -42.42 -28.40
CA TYR A 183 12.68 -41.02 -28.07
C TYR A 183 11.42 -40.87 -27.21
N GLU A 184 10.34 -41.55 -27.57
CA GLU A 184 9.09 -41.38 -26.85
C GLU A 184 9.25 -41.78 -25.38
N ASP A 185 9.91 -42.92 -25.13
CA ASP A 185 10.06 -43.39 -23.76
C ASP A 185 11.07 -42.54 -22.99
N ALA A 186 12.17 -42.17 -23.62
CA ALA A 186 13.19 -41.39 -22.93
C ALA A 186 12.62 -40.07 -22.44
N ALA A 187 11.93 -39.34 -23.32
CA ALA A 187 11.40 -38.04 -22.93
C ALA A 187 10.41 -38.17 -21.79
N ALA A 188 9.52 -39.18 -21.86
CA ALA A 188 8.53 -39.34 -20.81
C ALA A 188 9.19 -39.55 -19.46
N TYR A 189 10.31 -40.29 -19.43
CA TYR A 189 11.01 -40.48 -18.18
C TYR A 189 11.59 -39.17 -17.67
N ILE A 190 12.14 -38.35 -18.56
CA ILE A 190 12.68 -37.06 -18.15
C ILE A 190 11.58 -36.19 -17.54
N GLN A 191 10.42 -36.12 -18.21
CA GLN A 191 9.31 -35.36 -17.67
C GLN A 191 8.84 -35.95 -16.34
N ALA A 192 8.84 -37.28 -16.23
CA ALA A 192 8.39 -37.91 -15.00
C ALA A 192 9.26 -37.49 -13.82
N GLN A 193 10.57 -37.46 -14.02
CA GLN A 193 11.47 -37.06 -12.94
C GLN A 193 11.20 -35.63 -12.51
N PHE A 194 11.05 -34.72 -13.48
CA PHE A 194 10.78 -33.32 -13.14
C PHE A 194 9.45 -33.18 -12.42
N GLU A 195 8.41 -33.87 -12.90
CA GLU A 195 7.13 -33.85 -12.22
C GLU A 195 7.17 -34.55 -10.87
N SER A 196 8.18 -35.39 -10.64
CA SER A 196 8.27 -36.17 -9.41
C SER A 196 8.67 -35.34 -8.19
N LYS A 197 9.13 -34.11 -8.39
CA LYS A 197 9.59 -33.28 -7.28
C LYS A 197 8.47 -32.43 -6.67
N ASN A 198 7.24 -32.52 -7.19
CA ASN A 198 6.16 -31.68 -6.68
C ASN A 198 5.97 -31.90 -5.18
N ARG A 199 5.57 -33.11 -4.79
CA ARG A 199 5.43 -33.46 -3.38
C ARG A 199 4.45 -32.53 -2.67
N SER A 200 3.36 -32.19 -3.36
CA SER A 200 2.36 -31.31 -2.75
C SER A 200 1.09 -31.27 -3.60
N PRO A 201 -0.08 -31.10 -2.99
CA PRO A 201 -1.30 -30.90 -3.76
C PRO A 201 -1.58 -29.42 -3.99
N ASN A 202 -2.60 -29.16 -4.80
CA ASN A 202 -3.06 -27.82 -5.17
C ASN A 202 -2.12 -27.13 -6.14
N LYS A 203 -0.96 -27.71 -6.43
CA LYS A 203 -0.01 -27.15 -7.40
C LYS A 203 0.13 -28.17 -8.53
N GLU A 204 -0.15 -27.72 -9.74
CA GLU A 204 -0.04 -28.56 -10.92
C GLU A 204 1.12 -28.09 -11.77
N ILE A 205 1.60 -28.98 -12.63
CA ILE A 205 2.72 -28.69 -13.52
C ILE A 205 2.23 -28.90 -14.95
N TYR A 206 2.40 -27.89 -15.79
CA TYR A 206 1.96 -27.94 -17.19
C TYR A 206 3.19 -28.14 -18.05
N CYS A 207 3.59 -29.39 -18.21
CA CYS A 207 4.79 -29.73 -18.98
C CYS A 207 4.48 -29.75 -20.46
N HIS A 208 5.38 -29.17 -21.25
CA HIS A 208 5.23 -29.12 -22.70
C HIS A 208 6.60 -29.26 -23.35
N MET A 209 6.59 -29.75 -24.59
CA MET A 209 7.81 -29.98 -25.35
C MET A 209 7.84 -29.03 -26.54
N THR A 210 8.93 -28.28 -26.67
CA THR A 210 9.05 -27.27 -27.71
C THR A 210 10.38 -27.43 -28.43
N CYS A 211 10.41 -27.00 -29.69
CA CYS A 211 11.59 -27.04 -30.53
C CYS A 211 12.05 -25.63 -30.85
N ALA A 212 13.17 -25.53 -31.58
CA ALA A 212 13.66 -24.22 -31.97
C ALA A 212 12.68 -23.49 -32.87
N THR A 213 12.11 -24.20 -33.85
CA THR A 213 11.15 -23.60 -34.78
C THR A 213 9.72 -23.88 -34.33
N ASP A 214 9.36 -23.30 -33.19
CA ASP A 214 8.02 -23.45 -32.61
C ASP A 214 7.48 -22.07 -32.30
N THR A 215 6.64 -21.54 -33.20
CA THR A 215 6.07 -20.21 -33.00
C THR A 215 4.99 -20.20 -31.92
N ASN A 216 4.28 -21.30 -31.74
CA ASN A 216 3.15 -21.36 -30.82
C ASN A 216 3.59 -21.66 -29.39
N ASN A 217 4.38 -20.75 -28.83
CA ASN A 217 4.74 -20.83 -27.42
C ASN A 217 3.92 -19.89 -26.56
N ALA A 218 3.48 -18.76 -27.12
CA ALA A 218 2.59 -17.87 -26.38
C ALA A 218 1.23 -18.52 -26.15
N GLN A 219 0.78 -19.33 -27.11
CA GLN A 219 -0.48 -20.03 -26.94
C GLN A 219 -0.43 -20.98 -25.75
N VAL A 220 0.68 -21.71 -25.61
CA VAL A 220 0.80 -22.67 -24.51
C VAL A 220 0.75 -21.95 -23.17
N ILE A 221 1.48 -20.84 -23.05
CA ILE A 221 1.47 -20.10 -21.79
C ILE A 221 0.08 -19.55 -21.51
N PHE A 222 -0.62 -19.07 -22.53
CA PHE A 222 -1.92 -18.44 -22.31
C PHE A 222 -2.92 -19.44 -21.74
N ASP A 223 -3.08 -20.59 -22.39
CA ASP A 223 -4.09 -21.55 -21.95
C ASP A 223 -3.73 -22.12 -20.59
N ALA A 224 -2.45 -22.36 -20.33
CA ALA A 224 -2.03 -22.80 -19.00
C ALA A 224 -2.36 -21.74 -17.95
N VAL A 225 -2.13 -20.47 -18.29
CA VAL A 225 -2.50 -19.40 -17.37
C VAL A 225 -4.01 -19.35 -17.20
N THR A 226 -4.77 -19.64 -18.27
CA THR A 226 -6.22 -19.66 -18.15
C THR A 226 -6.68 -20.66 -17.11
N ASP A 227 -6.07 -21.85 -17.09
CA ASP A 227 -6.42 -22.84 -16.09
C ASP A 227 -5.94 -22.40 -14.71
N ILE A 228 -4.80 -21.72 -14.65
CA ILE A 228 -4.29 -21.23 -13.36
C ILE A 228 -5.22 -20.17 -12.80
N ILE A 229 -5.69 -19.26 -13.66
CA ILE A 229 -6.60 -18.22 -13.20
C ILE A 229 -7.91 -18.82 -12.72
N ILE A 230 -8.46 -19.76 -13.49
CA ILE A 230 -9.72 -20.38 -13.10
C ILE A 230 -9.57 -21.07 -11.75
N ALA A 231 -8.47 -21.78 -11.55
CA ALA A 231 -8.26 -22.47 -10.28
C ALA A 231 -8.21 -21.49 -9.13
N ASN A 232 -7.55 -20.34 -9.32
CA ASN A 232 -7.49 -19.35 -8.26
C ASN A 232 -8.86 -18.78 -7.95
N ASN A 233 -9.67 -18.52 -8.99
CA ASN A 233 -11.01 -17.99 -8.75
C ASN A 233 -11.86 -18.99 -7.98
N LEU A 234 -11.72 -20.28 -8.29
CA LEU A 234 -12.45 -21.29 -7.53
C LEU A 234 -12.18 -21.16 -6.04
N ARG A 235 -10.94 -20.83 -5.68
CA ARG A 235 -10.62 -20.61 -4.28
C ARG A 235 -11.26 -19.33 -3.75
N GLY A 236 -11.19 -18.25 -4.55
CA GLY A 236 -11.79 -17.00 -4.12
C GLY A 236 -13.30 -17.06 -4.06
N CYS A 237 -13.92 -17.70 -5.05
CA CYS A 237 -15.38 -17.80 -5.09
C CYS A 237 -15.94 -18.79 -4.09
N GLY A 238 -15.09 -19.40 -3.27
CA GLY A 238 -15.56 -20.30 -2.24
C GLY A 238 -15.94 -21.68 -2.71
N LEU A 239 -15.73 -22.00 -3.98
CA LEU A 239 -16.07 -23.32 -4.50
C LEU A 239 -15.04 -24.38 -4.15
N TYR A 240 -13.90 -24.00 -3.60
CA TYR A 240 -12.88 -24.97 -3.20
C TYR A 240 -12.47 -24.74 -1.76
N ASP B 15 49.16 -22.98 4.51
CA ASP B 15 49.03 -24.11 5.42
C ASP B 15 49.22 -23.66 6.87
N GLN B 16 50.38 -23.06 7.15
CA GLN B 16 50.65 -22.57 8.50
C GLN B 16 49.72 -21.43 8.88
N LEU B 17 49.36 -20.58 7.91
CA LEU B 17 48.48 -19.46 8.19
C LEU B 17 47.13 -19.94 8.72
N ARG B 18 46.68 -21.12 8.27
CA ARG B 18 45.41 -21.65 8.76
C ARG B 18 45.48 -21.87 10.27
N GLN B 19 46.57 -22.45 10.75
CA GLN B 19 46.78 -22.56 12.19
C GLN B 19 46.83 -21.19 12.84
N GLU B 20 47.53 -20.25 12.21
CA GLU B 20 47.60 -18.89 12.75
C GLU B 20 46.21 -18.26 12.79
N ALA B 21 45.40 -18.51 11.75
CA ALA B 21 44.05 -17.98 11.74
C ALA B 21 43.23 -18.54 12.90
N GLU B 22 43.35 -19.85 13.15
CA GLU B 22 42.58 -20.47 14.21
C GLU B 22 43.01 -19.96 15.59
N GLN B 23 44.31 -19.86 15.82
CA GLN B 23 44.78 -19.43 17.14
C GLN B 23 44.46 -17.96 17.39
N LEU B 24 44.49 -17.12 16.35
CA LEU B 24 44.11 -15.72 16.53
C LEU B 24 42.66 -15.62 16.96
N LYS B 25 41.77 -16.43 16.37
CA LYS B 25 40.39 -16.43 16.81
C LYS B 25 40.29 -16.85 18.27
N ASN B 26 41.09 -17.84 18.69
CA ASN B 26 41.07 -18.27 20.07
C ASN B 26 41.51 -17.15 21.01
N GLN B 27 42.54 -16.40 20.62
CA GLN B 27 42.99 -15.30 21.45
C GLN B 27 41.90 -14.25 21.61
N ILE B 28 41.17 -13.96 20.53
CA ILE B 28 40.06 -13.02 20.61
C ILE B 28 39.03 -13.55 21.62
N ARG B 29 38.63 -14.81 21.48
CA ARG B 29 37.63 -15.38 22.37
C ARG B 29 38.14 -15.40 23.81
N ASP B 30 39.40 -15.80 24.02
CA ASP B 30 39.94 -15.86 25.36
C ASP B 30 39.94 -14.48 26.01
N ALA B 31 40.38 -13.46 25.28
CA ALA B 31 40.32 -12.09 25.79
C ALA B 31 38.87 -11.64 25.95
N ARG B 32 38.01 -12.03 25.00
CA ARG B 32 36.59 -11.69 25.12
C ARG B 32 35.99 -12.27 26.40
N LYS B 33 36.40 -13.47 26.78
CA LYS B 33 35.86 -14.10 27.97
C LYS B 33 36.36 -13.42 29.24
N ALA B 34 37.54 -12.81 29.19
CA ALA B 34 38.09 -12.16 30.38
C ALA B 34 37.23 -10.98 30.81
N CYS B 35 36.74 -10.19 29.85
CA CYS B 35 36.00 -8.98 30.20
C CYS B 35 34.69 -9.31 30.92
N ALA B 36 33.98 -10.34 30.47
CA ALA B 36 32.68 -10.65 31.03
C ALA B 36 32.79 -10.93 32.52
N ASP B 37 32.20 -10.05 33.33
CA ASP B 37 32.12 -10.23 34.78
C ASP B 37 30.70 -10.47 35.26
N ALA B 38 29.76 -9.61 34.85
CA ALA B 38 28.36 -9.78 35.22
C ALA B 38 27.51 -9.50 34.00
N THR B 39 26.53 -10.38 33.76
CA THR B 39 25.66 -10.22 32.60
C THR B 39 24.82 -8.96 32.74
N LEU B 40 24.40 -8.41 31.59
CA LEU B 40 23.58 -7.21 31.61
C LEU B 40 22.34 -7.42 32.46
N SER B 41 21.72 -8.60 32.37
CA SER B 41 20.54 -8.90 33.17
C SER B 41 20.85 -9.02 34.65
N GLN B 42 22.12 -9.18 35.03
CA GLN B 42 22.48 -9.35 36.43
C GLN B 42 22.83 -8.04 37.12
N ILE B 43 23.03 -6.96 36.36
CA ILE B 43 23.31 -5.65 36.94
C ILE B 43 22.00 -4.89 37.08
N THR B 44 21.13 -5.02 36.09
CA THR B 44 19.86 -4.30 36.04
C THR B 44 18.70 -5.16 36.51
N ASN B 45 18.93 -6.02 37.50
CA ASN B 45 17.85 -6.85 38.04
C ASN B 45 16.93 -6.06 38.96
N ASN B 46 17.46 -5.08 39.68
CA ASN B 46 16.67 -4.30 40.62
C ASN B 46 16.05 -3.05 39.99
N ILE B 47 16.22 -2.85 38.70
CA ILE B 47 15.58 -1.73 38.00
C ILE B 47 14.11 -2.06 37.79
N ASP B 48 13.23 -1.16 38.21
CA ASP B 48 11.81 -1.43 38.14
C ASP B 48 11.38 -1.55 36.68
N PRO B 49 10.41 -2.44 36.36
CA PRO B 49 10.01 -2.63 34.97
C PRO B 49 9.40 -1.37 34.36
N VAL B 50 9.08 -1.44 33.07
CA VAL B 50 8.46 -0.31 32.38
C VAL B 50 6.94 -0.43 32.29
N GLY B 51 6.38 -1.56 32.69
CA GLY B 51 4.94 -1.75 32.63
C GLY B 51 4.49 -2.09 31.23
N ARG B 52 3.18 -2.33 31.11
CA ARG B 52 2.58 -2.69 29.84
C ARG B 52 2.51 -1.46 28.94
N ILE B 53 3.27 -1.46 27.85
CA ILE B 53 3.31 -0.34 26.92
C ILE B 53 2.14 -0.50 25.95
N GLN B 54 1.05 0.20 26.23
CA GLN B 54 -0.13 0.19 25.38
C GLN B 54 -0.03 1.35 24.40
N MET B 55 0.07 1.02 23.12
CA MET B 55 0.15 2.02 22.06
C MET B 55 -0.94 1.72 21.04
N ARG B 56 -1.67 2.76 20.64
CA ARG B 56 -2.80 2.63 19.73
C ARG B 56 -2.50 3.35 18.43
N THR B 57 -3.04 2.82 17.33
CA THR B 57 -2.86 3.47 16.04
C THR B 57 -3.49 4.85 16.05
N ARG B 58 -2.79 5.82 15.45
CA ARG B 58 -3.29 7.17 15.29
C ARG B 58 -3.54 7.56 13.85
N ARG B 59 -2.70 7.12 12.92
CA ARG B 59 -2.88 7.40 11.51
C ARG B 59 -2.84 6.09 10.73
N THR B 60 -3.45 6.10 9.55
CA THR B 60 -3.40 4.96 8.63
C THR B 60 -3.23 5.54 7.23
N LEU B 61 -2.01 5.51 6.72
CA LEU B 61 -1.69 6.05 5.41
C LEU B 61 -1.99 4.97 4.36
N ARG B 62 -2.98 5.22 3.53
CA ARG B 62 -3.36 4.29 2.48
C ARG B 62 -3.34 4.98 1.13
N GLY B 63 -3.06 4.19 0.10
CA GLY B 63 -2.84 4.71 -1.23
C GLY B 63 -1.79 3.91 -1.96
N HIS B 64 -0.97 3.18 -1.21
CA HIS B 64 -0.06 2.21 -1.81
C HIS B 64 -0.83 0.97 -2.22
N LEU B 65 -0.55 0.47 -3.42
CA LEU B 65 -1.29 -0.66 -3.97
C LEU B 65 -0.63 -1.99 -3.61
N ALA B 66 0.62 -2.17 -4.02
CA ALA B 66 1.33 -3.42 -3.78
C ALA B 66 1.92 -3.41 -2.38
N LYS B 67 2.78 -4.38 -2.09
CA LYS B 67 3.40 -4.49 -0.79
C LYS B 67 4.42 -3.37 -0.57
N ILE B 68 4.55 -2.94 0.68
CA ILE B 68 5.53 -1.92 1.06
C ILE B 68 6.77 -2.61 1.59
N TYR B 69 7.94 -2.21 1.08
CA TYR B 69 9.18 -2.87 1.45
C TYR B 69 10.14 -1.99 2.25
N ALA B 70 9.96 -0.68 2.25
CA ALA B 70 10.87 0.20 2.95
C ALA B 70 10.14 1.49 3.33
N MET B 71 10.74 2.24 4.24
CA MET B 71 10.16 3.46 4.75
C MET B 71 11.22 4.19 5.56
N HIS B 72 11.22 5.52 5.48
CA HIS B 72 12.16 6.34 6.23
C HIS B 72 11.47 7.61 6.69
N TRP B 73 11.89 8.09 7.85
CA TRP B 73 11.35 9.31 8.45
C TRP B 73 12.20 10.50 8.07
N GLY B 74 11.54 11.63 7.80
CA GLY B 74 12.26 12.88 7.65
C GLY B 74 12.80 13.37 8.98
N THR B 75 13.92 14.09 8.92
CA THR B 75 14.56 14.54 10.15
C THR B 75 13.68 15.52 10.90
N ASP B 76 12.69 16.13 10.24
CA ASP B 76 11.80 17.08 10.88
C ASP B 76 10.65 16.39 11.62
N SER B 77 10.61 15.05 11.62
CA SER B 77 9.65 14.27 12.38
C SER B 77 8.22 14.48 11.90
N ARG B 78 8.03 14.94 10.68
CA ARG B 78 6.69 15.13 10.14
C ARG B 78 6.50 14.46 8.79
N LEU B 79 7.51 14.46 7.93
CA LEU B 79 7.37 13.91 6.59
C LEU B 79 7.89 12.48 6.55
N LEU B 80 7.31 11.69 5.65
CA LEU B 80 7.61 10.28 5.51
C LEU B 80 7.92 9.97 4.06
N VAL B 81 8.64 8.89 3.83
CA VAL B 81 8.85 8.34 2.50
C VAL B 81 8.67 6.83 2.59
N SER B 82 7.97 6.27 1.62
CA SER B 82 7.73 4.83 1.60
C SER B 82 7.87 4.31 0.18
N ALA B 83 8.46 3.12 0.05
CA ALA B 83 8.67 2.47 -1.22
C ALA B 83 7.80 1.21 -1.29
N SER B 84 7.13 1.03 -2.42
CA SER B 84 6.24 -0.11 -2.61
C SER B 84 6.59 -0.83 -3.89
N GLN B 85 6.15 -2.09 -3.98
CA GLN B 85 6.45 -2.92 -5.13
C GLN B 85 5.69 -2.48 -6.38
N ASP B 86 4.75 -1.56 -6.25
CA ASP B 86 3.96 -1.09 -7.38
C ASP B 86 4.71 -0.05 -8.22
N GLY B 87 5.94 0.27 -7.86
CA GLY B 87 6.71 1.23 -8.63
C GLY B 87 6.47 2.68 -8.27
N LYS B 88 5.98 2.95 -7.06
CA LYS B 88 5.71 4.30 -6.60
C LYS B 88 6.52 4.58 -5.35
N LEU B 89 6.97 5.83 -5.23
CA LEU B 89 7.63 6.34 -4.03
C LEU B 89 6.80 7.54 -3.58
N ILE B 90 6.16 7.44 -2.41
CA ILE B 90 5.22 8.44 -1.95
C ILE B 90 5.82 9.15 -0.74
N ILE B 91 5.73 10.47 -0.71
CA ILE B 91 6.14 11.29 0.42
C ILE B 91 4.88 11.74 1.15
N TRP B 92 4.75 11.33 2.40
CA TRP B 92 3.54 11.57 3.18
C TRP B 92 3.76 12.71 4.16
N ASP B 93 2.69 13.46 4.42
CA ASP B 93 2.62 14.38 5.55
C ASP B 93 1.94 13.62 6.69
N SER B 94 2.71 13.26 7.70
CA SER B 94 2.19 12.40 8.75
C SER B 94 1.01 13.05 9.47
N TYR B 95 1.11 14.34 9.78
CA TYR B 95 0.12 14.98 10.64
C TYR B 95 -1.26 14.95 9.98
N THR B 96 -1.33 15.25 8.68
CA THR B 96 -2.61 15.35 7.99
C THR B 96 -2.90 14.16 7.09
N THR B 97 -1.92 13.30 6.82
CA THR B 97 -2.09 12.17 5.91
C THR B 97 -2.20 12.64 4.46
N ASN B 98 -1.58 13.77 4.13
CA ASN B 98 -1.57 14.28 2.78
C ASN B 98 -0.37 13.72 2.01
N LYS B 99 -0.56 13.55 0.70
CA LYS B 99 0.47 13.03 -0.17
C LYS B 99 1.21 14.21 -0.80
N VAL B 100 2.39 14.53 -0.27
CA VAL B 100 3.15 15.65 -0.78
C VAL B 100 3.66 15.37 -2.18
N HIS B 101 4.25 14.19 -2.39
CA HIS B 101 4.84 13.82 -3.67
C HIS B 101 4.48 12.38 -3.99
N ALA B 102 4.55 12.03 -5.27
CA ALA B 102 4.42 10.65 -5.72
C ALA B 102 5.35 10.49 -6.92
N ILE B 103 6.38 9.69 -6.75
CA ILE B 103 7.49 9.61 -7.71
C ILE B 103 7.39 8.27 -8.44
N PRO B 104 7.29 8.25 -9.76
CA PRO B 104 7.34 6.98 -10.48
C PRO B 104 8.78 6.50 -10.65
N LEU B 105 8.97 5.19 -10.48
CA LEU B 105 10.28 4.57 -10.49
C LEU B 105 10.50 3.83 -11.80
N ARG B 106 11.75 3.80 -12.25
CA ARG B 106 12.07 3.09 -13.49
C ARG B 106 11.84 1.58 -13.34
N SER B 107 12.21 1.02 -12.19
CA SER B 107 12.02 -0.39 -11.92
C SER B 107 11.16 -0.56 -10.68
N SER B 108 10.19 -1.46 -10.75
CA SER B 108 9.25 -1.68 -9.66
C SER B 108 9.82 -2.57 -8.55
N TRP B 109 11.02 -3.10 -8.72
CA TRP B 109 11.65 -3.96 -7.72
C TRP B 109 12.54 -3.09 -6.85
N VAL B 110 11.96 -2.62 -5.74
CA VAL B 110 12.63 -1.71 -4.82
C VAL B 110 12.58 -2.32 -3.43
N MET B 111 13.74 -2.36 -2.76
CA MET B 111 13.84 -2.95 -1.43
C MET B 111 14.33 -1.96 -0.38
N THR B 112 14.54 -0.70 -0.75
CA THR B 112 15.04 0.27 0.22
C THR B 112 14.70 1.68 -0.24
N CYS B 113 14.78 2.62 0.70
CA CYS B 113 14.59 4.03 0.43
C CYS B 113 15.12 4.82 1.61
N ALA B 114 15.62 6.02 1.34
CA ALA B 114 16.20 6.86 2.38
C ALA B 114 15.79 8.31 2.15
N TYR B 115 15.75 9.06 3.25
CA TYR B 115 15.42 10.48 3.25
C TYR B 115 16.64 11.27 3.69
N ALA B 116 17.06 12.24 2.87
CA ALA B 116 18.25 13.00 3.19
C ALA B 116 18.06 13.79 4.48
N PRO B 117 19.12 13.99 5.26
CA PRO B 117 18.96 14.80 6.48
C PRO B 117 18.46 16.21 6.20
N SER B 118 18.90 16.81 5.10
CA SER B 118 18.42 18.14 4.75
C SER B 118 17.02 18.14 4.18
N GLY B 119 16.54 16.99 3.71
CA GLY B 119 15.22 16.89 3.11
C GLY B 119 15.16 17.27 1.65
N ASN B 120 16.27 17.70 1.05
CA ASN B 120 16.27 18.08 -0.35
C ASN B 120 16.26 16.89 -1.29
N TYR B 121 16.81 15.75 -0.87
CA TYR B 121 16.98 14.60 -1.73
C TYR B 121 16.35 13.38 -1.10
N VAL B 122 16.09 12.37 -1.93
CA VAL B 122 15.59 11.08 -1.50
C VAL B 122 16.25 10.01 -2.37
N ALA B 123 16.42 8.82 -1.81
CA ALA B 123 17.15 7.75 -2.49
C ALA B 123 16.30 6.50 -2.57
N CYS B 124 16.62 5.65 -3.54
CA CYS B 124 15.86 4.44 -3.82
C CYS B 124 16.76 3.42 -4.50
N GLY B 125 16.39 2.15 -4.39
CA GLY B 125 17.17 1.10 -5.01
C GLY B 125 16.51 -0.25 -4.79
N GLY B 126 17.05 -1.25 -5.48
CA GLY B 126 16.52 -2.60 -5.36
C GLY B 126 17.21 -3.61 -6.26
N LEU B 127 16.42 -4.52 -6.85
CA LEU B 127 16.98 -5.57 -7.68
C LEU B 127 17.68 -5.04 -8.92
N ASP B 128 17.46 -3.79 -9.30
CA ASP B 128 18.08 -3.21 -10.48
C ASP B 128 19.57 -2.95 -10.31
N ASN B 129 20.10 -3.09 -9.10
CA ASN B 129 21.51 -2.85 -8.80
C ASN B 129 21.92 -1.40 -8.99
N ILE B 130 20.98 -0.46 -8.90
CA ILE B 130 21.25 0.95 -9.10
C ILE B 130 20.56 1.73 -7.99
N CYS B 131 21.28 2.69 -7.40
CA CYS B 131 20.74 3.59 -6.40
C CYS B 131 20.38 4.90 -7.09
N SER B 132 19.09 5.20 -7.16
CA SER B 132 18.60 6.40 -7.81
C SER B 132 18.36 7.49 -6.77
N ILE B 133 18.77 8.71 -7.09
CA ILE B 133 18.66 9.85 -6.19
C ILE B 133 17.77 10.89 -6.86
N TYR B 134 16.71 11.28 -6.18
CA TYR B 134 15.72 12.22 -6.71
C TYR B 134 15.82 13.54 -5.99
N ASN B 135 15.90 14.63 -6.75
CA ASN B 135 16.00 15.97 -6.20
C ASN B 135 14.59 16.53 -6.03
N LEU B 136 14.23 16.86 -4.78
CA LEU B 136 12.87 17.29 -4.49
C LEU B 136 12.67 18.79 -4.63
N LYS B 137 13.69 19.60 -4.35
CA LYS B 137 13.58 21.06 -4.41
C LYS B 137 14.12 21.54 -5.75
N THR B 138 13.31 21.37 -6.79
CA THR B 138 13.68 21.77 -8.14
C THR B 138 12.97 23.07 -8.52
N ARG B 139 13.64 23.85 -9.37
CA ARG B 139 13.04 25.08 -9.88
C ARG B 139 11.87 24.81 -10.82
N GLU B 140 11.78 23.60 -11.37
CA GLU B 140 10.73 23.26 -12.32
C GLU B 140 9.47 22.71 -11.66
N GLY B 141 9.49 22.48 -10.35
CA GLY B 141 8.30 22.08 -9.64
C GLY B 141 7.96 20.60 -9.70
N ASN B 142 8.79 19.79 -10.35
CA ASN B 142 8.60 18.35 -10.39
C ASN B 142 9.87 17.66 -9.91
N VAL B 143 9.70 16.46 -9.35
CA VAL B 143 10.81 15.68 -8.82
C VAL B 143 11.52 15.02 -10.00
N ARG B 144 12.84 15.18 -10.06
CA ARG B 144 13.66 14.63 -11.12
C ARG B 144 14.79 13.78 -10.52
N VAL B 145 15.23 12.80 -11.30
CA VAL B 145 16.32 11.92 -10.87
C VAL B 145 17.63 12.65 -11.08
N SER B 146 18.28 13.07 -9.99
CA SER B 146 19.52 13.81 -10.10
C SER B 146 20.67 12.94 -10.58
N ARG B 147 20.83 11.76 -9.98
CA ARG B 147 21.92 10.87 -10.34
C ARG B 147 21.45 9.42 -10.23
N GLU B 148 22.13 8.54 -10.97
CA GLU B 148 21.96 7.10 -10.85
C GLU B 148 23.33 6.49 -10.58
N LEU B 149 23.45 5.77 -9.48
CA LEU B 149 24.73 5.21 -9.04
C LEU B 149 24.79 3.75 -9.43
N ALA B 150 25.87 3.36 -10.12
CA ALA B 150 26.06 1.99 -10.57
C ALA B 150 27.44 1.51 -10.16
N GLY B 151 27.58 0.19 -10.06
CA GLY B 151 28.84 -0.40 -9.67
C GLY B 151 28.67 -1.63 -8.81
N HIS B 152 27.51 -1.78 -8.18
CA HIS B 152 27.20 -2.99 -7.45
C HIS B 152 26.78 -4.09 -8.41
N THR B 153 27.30 -5.30 -8.21
CA THR B 153 26.97 -6.42 -9.07
C THR B 153 25.82 -7.26 -8.53
N GLY B 154 25.17 -6.82 -7.45
CA GLY B 154 24.01 -7.51 -6.93
C GLY B 154 22.99 -6.52 -6.41
N TYR B 155 21.86 -7.05 -5.96
CA TYR B 155 20.76 -6.19 -5.54
C TYR B 155 21.21 -5.27 -4.43
N LEU B 156 20.42 -4.23 -4.20
CA LEU B 156 20.71 -3.19 -3.22
C LEU B 156 19.80 -3.39 -2.02
N SER B 157 20.39 -3.52 -0.83
CA SER B 157 19.64 -3.83 0.38
C SER B 157 19.33 -2.61 1.22
N CYS B 158 20.25 -1.65 1.32
CA CYS B 158 20.05 -0.51 2.20
C CYS B 158 20.69 0.73 1.61
N CYS B 159 20.27 1.89 2.11
CA CYS B 159 20.80 3.19 1.73
C CYS B 159 20.70 4.11 2.91
N ARG B 160 21.72 4.93 3.12
CA ARG B 160 21.71 5.90 4.20
C ARG B 160 22.55 7.10 3.82
N PHE B 161 21.95 8.28 3.85
CA PHE B 161 22.65 9.52 3.53
C PHE B 161 23.58 9.93 4.67
N LEU B 162 24.78 10.38 4.31
CA LEU B 162 25.68 11.03 5.24
C LEU B 162 25.58 12.55 5.17
N ASP B 163 25.44 13.09 3.97
CA ASP B 163 25.28 14.52 3.74
C ASP B 163 24.39 14.66 2.50
N ASP B 164 24.36 15.86 1.93
CA ASP B 164 23.71 16.02 0.63
C ASP B 164 24.55 15.48 -0.51
N ASN B 165 25.81 15.13 -0.26
CA ASN B 165 26.73 14.70 -1.31
C ASN B 165 27.49 13.44 -0.91
N GLN B 166 26.86 12.55 -0.14
CA GLN B 166 27.52 11.33 0.32
C GLN B 166 26.47 10.37 0.81
N ILE B 167 26.52 9.12 0.35
CA ILE B 167 25.54 8.10 0.68
C ILE B 167 26.25 6.76 0.79
N VAL B 168 25.78 5.92 1.71
CA VAL B 168 26.34 4.60 1.95
C VAL B 168 25.34 3.57 1.48
N THR B 169 25.82 2.54 0.79
CA THR B 169 24.97 1.48 0.26
C THR B 169 25.50 0.11 0.64
N SER B 170 24.60 -0.86 0.64
CA SER B 170 24.94 -2.26 0.88
C SER B 170 24.20 -3.13 -0.12
N SER B 171 24.86 -4.17 -0.62
CA SER B 171 24.31 -5.04 -1.64
C SER B 171 24.45 -6.50 -1.25
N GLY B 172 23.82 -7.37 -2.03
CA GLY B 172 24.02 -8.79 -1.92
C GLY B 172 25.32 -9.29 -2.47
N ASP B 173 26.15 -8.37 -2.98
CA ASP B 173 27.50 -8.68 -3.41
C ASP B 173 28.44 -8.99 -2.27
N THR B 174 27.98 -8.86 -1.02
CA THR B 174 28.81 -9.03 0.16
C THR B 174 29.70 -7.82 0.40
N THR B 175 29.33 -6.65 -0.10
CA THR B 175 30.18 -5.48 -0.02
C THR B 175 29.32 -4.23 0.12
N CYS B 176 29.79 -3.33 0.97
CA CYS B 176 29.22 -2.00 1.14
C CYS B 176 30.09 -0.99 0.41
N ALA B 177 29.59 0.23 0.29
CA ALA B 177 30.30 1.26 -0.46
C ALA B 177 29.93 2.63 0.06
N LEU B 178 30.78 3.60 -0.27
CA LEU B 178 30.54 5.00 0.02
C LEU B 178 30.68 5.78 -1.28
N TRP B 179 29.68 6.57 -1.62
CA TRP B 179 29.61 7.24 -2.90
C TRP B 179 29.79 8.74 -2.75
N ASP B 180 30.14 9.37 -3.88
CA ASP B 180 30.21 10.82 -3.99
C ASP B 180 29.18 11.22 -5.04
N ILE B 181 28.02 11.67 -4.59
CA ILE B 181 26.89 11.85 -5.49
C ILE B 181 27.22 12.86 -6.58
N GLU B 182 27.97 13.90 -6.23
CA GLU B 182 28.35 14.90 -7.22
C GLU B 182 29.05 14.26 -8.41
N THR B 183 30.16 13.56 -8.15
CA THR B 183 30.90 12.94 -9.24
C THR B 183 30.23 11.67 -9.73
N GLY B 184 29.60 10.92 -8.82
CA GLY B 184 28.93 9.69 -9.18
C GLY B 184 29.78 8.43 -9.08
N GLN B 185 31.06 8.56 -8.76
CA GLN B 185 31.94 7.42 -8.64
C GLN B 185 31.89 6.85 -7.23
N GLN B 186 32.59 5.73 -7.04
CA GLN B 186 32.59 5.01 -5.77
C GLN B 186 33.84 5.38 -4.98
N THR B 187 33.66 6.17 -3.94
CA THR B 187 34.81 6.67 -3.18
C THR B 187 35.54 5.53 -2.47
N THR B 188 34.80 4.71 -1.73
CA THR B 188 35.40 3.65 -0.93
C THR B 188 34.51 2.40 -0.99
N THR B 189 35.15 1.25 -0.99
CA THR B 189 34.47 -0.03 -1.02
C THR B 189 34.86 -0.82 0.23
N PHE B 190 33.87 -1.33 0.95
CA PHE B 190 34.09 -2.10 2.16
C PHE B 190 33.88 -3.58 1.83
N THR B 191 34.87 -4.40 2.16
CA THR B 191 34.83 -5.83 1.89
C THR B 191 35.16 -6.60 3.16
N GLY B 192 34.75 -7.86 3.18
CA GLY B 192 35.02 -8.72 4.32
C GLY B 192 33.87 -9.64 4.65
N HIS B 193 32.65 -9.24 4.30
CA HIS B 193 31.51 -10.13 4.47
C HIS B 193 31.62 -11.30 3.51
N THR B 194 31.11 -12.45 3.94
CA THR B 194 31.10 -13.66 3.11
C THR B 194 29.69 -14.03 2.68
N GLY B 195 28.75 -13.09 2.78
CA GLY B 195 27.38 -13.35 2.38
C GLY B 195 26.69 -12.03 2.10
N ASP B 196 25.44 -12.13 1.70
CA ASP B 196 24.67 -10.93 1.37
C ASP B 196 24.63 -9.98 2.55
N VAL B 197 24.81 -8.69 2.28
CA VAL B 197 24.63 -7.64 3.27
C VAL B 197 23.20 -7.16 3.19
N MET B 198 22.50 -7.20 4.32
CA MET B 198 21.06 -6.97 4.33
C MET B 198 20.65 -5.66 4.98
N SER B 199 21.54 -4.99 5.71
CA SER B 199 21.16 -3.74 6.36
C SER B 199 22.39 -3.03 6.87
N LEU B 200 22.20 -1.77 7.25
CA LEU B 200 23.23 -1.00 7.93
C LEU B 200 22.55 0.13 8.68
N SER B 201 23.22 0.64 9.70
CA SER B 201 22.76 1.81 10.43
C SER B 201 23.94 2.74 10.66
N LEU B 202 23.76 4.01 10.32
CA LEU B 202 24.80 5.01 10.48
C LEU B 202 24.86 5.49 11.91
N ALA B 203 26.08 5.62 12.43
CA ALA B 203 26.25 6.09 13.79
C ALA B 203 25.74 7.52 13.90
N PRO B 204 25.29 7.93 15.09
CA PRO B 204 24.77 9.30 15.23
C PRO B 204 25.77 10.37 14.82
N ASP B 205 27.07 10.15 15.03
CA ASP B 205 28.09 11.09 14.60
C ASP B 205 28.55 10.85 13.18
N THR B 206 28.02 9.83 12.51
CA THR B 206 28.28 9.57 11.09
C THR B 206 29.78 9.46 10.81
N ARG B 207 30.49 8.77 11.70
CA ARG B 207 31.88 8.39 11.45
C ARG B 207 32.09 6.89 11.43
N LEU B 208 31.18 6.11 12.00
CA LEU B 208 31.21 4.65 11.95
C LEU B 208 29.84 4.16 11.54
N PHE B 209 29.78 2.91 11.04
CA PHE B 209 28.50 2.28 10.80
C PHE B 209 28.69 0.77 10.88
N VAL B 210 27.57 0.06 11.06
CA VAL B 210 27.56 -1.39 11.16
C VAL B 210 26.68 -1.94 10.06
N SER B 211 26.95 -3.19 9.70
CA SER B 211 26.19 -3.87 8.66
C SER B 211 25.93 -5.30 9.07
N GLY B 212 24.71 -5.76 8.85
CA GLY B 212 24.33 -7.14 9.10
C GLY B 212 24.24 -7.90 7.79
N ALA B 213 24.88 -9.06 7.76
CA ALA B 213 25.00 -9.86 6.55
C ALA B 213 24.34 -11.22 6.75
N CYS B 214 24.30 -12.00 5.68
CA CYS B 214 23.75 -13.35 5.72
C CYS B 214 24.76 -14.38 6.22
N ASP B 215 26.00 -13.98 6.45
CA ASP B 215 26.98 -14.87 7.06
C ASP B 215 26.82 -14.96 8.57
N ALA B 216 25.70 -14.46 9.10
CA ALA B 216 25.43 -14.51 10.54
C ALA B 216 26.51 -13.76 11.31
N SER B 217 26.79 -12.54 10.88
CA SER B 217 27.78 -11.72 11.54
C SER B 217 27.51 -10.25 11.21
N ALA B 218 27.94 -9.39 12.12
CA ALA B 218 27.90 -7.95 11.92
C ALA B 218 29.27 -7.39 12.23
N LYS B 219 29.65 -6.35 11.50
CA LYS B 219 30.97 -5.74 11.67
C LYS B 219 30.85 -4.23 11.66
N LEU B 220 31.82 -3.60 12.32
CA LEU B 220 31.86 -2.15 12.51
C LEU B 220 32.91 -1.57 11.58
N TRP B 221 32.54 -0.57 10.80
CA TRP B 221 33.40 -0.02 9.76
C TRP B 221 33.72 1.44 10.04
N ASP B 222 34.97 1.82 9.75
CA ASP B 222 35.39 3.22 9.81
C ASP B 222 35.17 3.84 8.44
N VAL B 223 34.21 4.76 8.34
CA VAL B 223 33.87 5.33 7.04
C VAL B 223 35.04 6.13 6.48
N ARG B 224 35.82 6.78 7.34
CA ARG B 224 36.93 7.58 6.86
C ARG B 224 38.09 6.71 6.40
N GLU B 225 38.38 5.63 7.13
CA GLU B 225 39.55 4.80 6.87
C GLU B 225 39.28 3.65 5.91
N GLY B 226 38.03 3.28 5.71
CA GLY B 226 37.73 2.12 4.89
C GLY B 226 38.27 0.83 5.46
N MET B 227 38.10 0.63 6.77
CA MET B 227 38.67 -0.51 7.48
C MET B 227 37.62 -1.10 8.40
N CYS B 228 37.70 -2.42 8.61
CA CYS B 228 36.80 -3.12 9.52
C CYS B 228 37.39 -3.08 10.91
N ARG B 229 36.77 -2.31 11.80
CA ARG B 229 37.31 -2.14 13.14
C ARG B 229 37.00 -3.34 14.03
N GLN B 230 35.83 -3.96 13.85
CA GLN B 230 35.40 -5.04 14.72
C GLN B 230 34.46 -5.95 13.95
N THR B 231 34.24 -7.15 14.51
CA THR B 231 33.29 -8.11 13.97
C THR B 231 32.59 -8.81 15.12
N PHE B 232 31.26 -8.94 15.02
CA PHE B 232 30.43 -9.46 16.10
C PHE B 232 29.69 -10.69 15.61
N THR B 233 29.71 -11.76 16.41
CA THR B 233 29.08 -13.02 16.07
C THR B 233 28.15 -13.46 17.19
N GLY B 234 27.34 -14.47 16.89
CA GLY B 234 26.41 -14.99 17.86
C GLY B 234 25.08 -15.42 17.26
N HIS B 235 24.69 -14.82 16.14
CA HIS B 235 23.45 -15.19 15.49
C HIS B 235 23.61 -16.52 14.76
N GLU B 236 22.56 -17.35 14.82
CA GLU B 236 22.57 -18.65 14.17
C GLU B 236 22.16 -18.60 12.71
N SER B 237 21.60 -17.49 12.25
CA SER B 237 21.15 -17.37 10.88
C SER B 237 21.47 -15.96 10.38
N ASP B 238 20.91 -15.60 9.24
CA ASP B 238 21.17 -14.29 8.65
C ASP B 238 20.58 -13.18 9.51
N ILE B 239 21.26 -12.03 9.51
CA ILE B 239 20.78 -10.84 10.20
C ILE B 239 19.97 -10.02 9.23
N ASN B 240 18.69 -9.82 9.54
CA ASN B 240 17.76 -9.14 8.65
C ASN B 240 17.74 -7.64 8.84
N ALA B 241 18.07 -7.14 10.02
CA ALA B 241 17.98 -5.72 10.33
C ALA B 241 19.00 -5.39 11.41
N ILE B 242 19.31 -4.10 11.52
CA ILE B 242 20.31 -3.61 12.47
C ILE B 242 20.02 -2.15 12.74
N CYS B 243 20.34 -1.70 13.95
CA CYS B 243 20.12 -0.32 14.34
C CYS B 243 21.09 0.06 15.45
N PHE B 244 21.56 1.30 15.42
CA PHE B 244 22.45 1.81 16.46
C PHE B 244 21.65 2.23 17.69
N PHE B 245 22.24 1.95 18.86
CA PHE B 245 21.74 2.51 20.10
C PHE B 245 21.85 4.03 20.05
N PRO B 246 20.95 4.75 20.71
CA PRO B 246 20.96 6.22 20.57
C PRO B 246 22.28 6.87 20.94
N ASN B 247 23.00 6.34 21.93
CA ASN B 247 24.25 6.95 22.36
C ASN B 247 25.45 6.49 21.54
N GLY B 248 25.25 5.60 20.57
CA GLY B 248 26.29 5.23 19.65
C GLY B 248 27.30 4.22 20.16
N ASN B 249 27.08 3.65 21.35
CA ASN B 249 28.01 2.69 21.94
C ASN B 249 27.43 1.29 21.99
N ALA B 250 26.40 1.00 21.19
CA ALA B 250 25.82 -0.33 21.11
C ALA B 250 24.89 -0.35 19.92
N PHE B 251 24.44 -1.55 19.56
CA PHE B 251 23.50 -1.71 18.46
C PHE B 251 22.75 -3.02 18.66
N ALA B 252 21.64 -3.17 17.94
CA ALA B 252 20.79 -4.34 18.02
C ALA B 252 20.56 -4.91 16.64
N THR B 253 20.49 -6.23 16.56
CA THR B 253 20.38 -6.96 15.30
C THR B 253 19.19 -7.89 15.34
N GLY B 254 18.52 -8.03 14.21
CA GLY B 254 17.40 -8.95 14.08
C GLY B 254 17.72 -10.01 13.05
N SER B 255 17.34 -11.25 13.35
CA SER B 255 17.76 -12.39 12.55
C SER B 255 16.58 -13.28 12.22
N ASP B 256 16.78 -14.16 11.24
CA ASP B 256 15.85 -15.24 10.98
C ASP B 256 15.82 -16.26 12.11
N ASP B 257 16.83 -16.23 13.00
CA ASP B 257 16.87 -17.06 14.19
C ASP B 257 15.69 -16.83 15.12
N ALA B 258 14.88 -15.81 14.88
CA ALA B 258 13.76 -15.46 15.73
C ALA B 258 14.21 -14.85 17.05
N THR B 259 15.37 -14.20 17.05
CA THR B 259 15.88 -13.52 18.24
C THR B 259 16.57 -12.24 17.83
N CYS B 260 16.63 -11.30 18.77
CA CYS B 260 17.40 -10.07 18.64
C CYS B 260 18.48 -10.06 19.70
N ARG B 261 19.60 -9.44 19.41
CA ARG B 261 20.72 -9.38 20.34
C ARG B 261 21.28 -7.97 20.40
N LEU B 262 21.86 -7.64 21.55
CA LEU B 262 22.42 -6.31 21.80
C LEU B 262 23.94 -6.46 21.95
N PHE B 263 24.68 -5.73 21.12
CA PHE B 263 26.13 -5.76 21.14
C PHE B 263 26.68 -4.40 21.58
N ASP B 264 27.81 -4.45 22.28
CA ASP B 264 28.49 -3.26 22.77
C ASP B 264 29.84 -3.12 22.09
N LEU B 265 30.12 -1.93 21.54
CA LEU B 265 31.37 -1.73 20.81
C LEU B 265 32.56 -1.73 21.75
N ARG B 266 32.45 -1.03 22.89
CA ARG B 266 33.56 -0.93 23.82
C ARG B 266 33.83 -2.27 24.49
N ALA B 267 32.78 -2.95 24.95
CA ALA B 267 32.95 -4.29 25.51
C ALA B 267 33.26 -5.32 24.44
N ASP B 268 32.71 -5.13 23.24
CA ASP B 268 33.03 -5.98 22.09
C ASP B 268 32.45 -7.38 22.27
N GLN B 269 31.22 -7.46 22.78
CA GLN B 269 30.56 -8.75 22.97
C GLN B 269 29.06 -8.55 22.83
N GLU B 270 28.31 -9.60 23.15
CA GLU B 270 26.86 -9.59 23.12
C GLU B 270 26.36 -9.42 24.55
N LEU B 271 25.49 -8.43 24.77
CA LEU B 271 25.08 -8.11 26.13
C LEU B 271 23.82 -8.86 26.52
N MET B 272 22.85 -8.98 25.62
CA MET B 272 21.57 -9.57 25.98
C MET B 272 20.90 -10.12 24.73
N THR B 273 19.96 -11.04 24.95
CA THR B 273 19.18 -11.65 23.89
C THR B 273 17.70 -11.42 24.18
N TYR B 274 16.89 -11.38 23.12
CA TYR B 274 15.49 -11.02 23.23
C TYR B 274 14.61 -12.11 22.65
N SER B 275 14.82 -13.35 23.09
CA SER B 275 14.08 -14.50 22.61
C SER B 275 12.91 -14.82 23.53
N HIS B 276 11.83 -15.33 22.95
CA HIS B 276 10.70 -15.84 23.71
C HIS B 276 10.26 -17.16 23.09
N ASP B 277 9.89 -18.12 23.95
CA ASP B 277 9.57 -19.46 23.47
C ASP B 277 8.42 -19.43 22.47
N ASN B 278 7.51 -18.47 22.59
CA ASN B 278 6.35 -18.41 21.73
C ASN B 278 6.65 -17.78 20.37
N ILE B 279 7.86 -17.28 20.15
CA ILE B 279 8.26 -16.67 18.90
C ILE B 279 8.97 -17.72 18.06
N ILE B 280 8.54 -17.88 16.82
CA ILE B 280 9.15 -18.85 15.91
C ILE B 280 9.68 -18.24 14.62
N CYS B 281 9.15 -17.10 14.19
CA CYS B 281 9.51 -16.51 12.91
C CYS B 281 10.69 -15.56 13.07
N GLY B 282 11.16 -15.05 11.93
CA GLY B 282 12.30 -14.15 11.93
C GLY B 282 11.91 -12.69 11.97
N ILE B 283 12.83 -11.87 12.47
CA ILE B 283 12.62 -10.44 12.60
C ILE B 283 12.95 -9.77 11.28
N THR B 284 12.10 -8.84 10.86
CA THR B 284 12.29 -8.13 9.61
C THR B 284 12.86 -6.73 9.78
N SER B 285 12.66 -6.12 10.95
CA SER B 285 13.11 -4.76 11.20
C SER B 285 13.40 -4.60 12.68
N VAL B 286 14.19 -3.58 13.00
CA VAL B 286 14.57 -3.28 14.39
C VAL B 286 14.74 -1.78 14.52
N SER B 287 14.34 -1.24 15.67
CA SER B 287 14.48 0.18 15.94
C SER B 287 14.44 0.41 17.43
N PHE B 288 14.97 1.55 17.85
CA PHE B 288 15.02 1.95 19.25
C PHE B 288 14.11 3.15 19.47
N SER B 289 13.88 3.48 20.74
CA SER B 289 13.20 4.70 21.11
C SER B 289 14.23 5.80 21.36
N LYS B 290 13.72 7.02 21.58
CA LYS B 290 14.62 8.15 21.77
C LYS B 290 15.51 7.95 22.98
N SER B 291 14.95 7.40 24.06
CA SER B 291 15.74 7.13 25.26
C SER B 291 16.60 5.89 25.09
N GLY B 292 16.13 4.90 24.35
CA GLY B 292 16.83 3.65 24.19
C GLY B 292 16.36 2.54 25.11
N ARG B 293 15.25 2.72 25.81
CA ARG B 293 14.74 1.68 26.69
C ARG B 293 13.80 0.72 25.98
N LEU B 294 13.08 1.18 24.98
CA LEU B 294 12.22 0.31 24.18
C LEU B 294 12.95 -0.11 22.92
N LEU B 295 12.80 -1.38 22.56
CA LEU B 295 13.36 -1.93 21.34
C LEU B 295 12.21 -2.54 20.55
N LEU B 296 11.85 -1.91 19.45
CA LEU B 296 10.72 -2.35 18.64
C LEU B 296 11.23 -3.12 17.44
N ALA B 297 10.71 -4.33 17.26
CA ALA B 297 11.11 -5.20 16.16
C ALA B 297 9.88 -5.77 15.49
N GLY B 298 9.93 -5.90 14.17
CA GLY B 298 8.83 -6.41 13.38
C GLY B 298 9.11 -7.81 12.90
N TYR B 299 8.15 -8.70 13.10
CA TYR B 299 8.28 -10.12 12.81
C TYR B 299 7.41 -10.47 11.59
N ASP B 300 7.49 -11.74 11.19
CA ASP B 300 6.69 -12.24 10.08
C ASP B 300 5.30 -12.70 10.50
N ASP B 301 5.01 -12.73 11.81
CA ASP B 301 3.70 -13.12 12.29
C ASP B 301 2.70 -11.97 12.27
N PHE B 302 3.02 -10.89 11.57
CA PHE B 302 2.15 -9.73 11.42
C PHE B 302 2.10 -8.87 12.67
N ASN B 303 3.12 -8.93 13.52
CA ASN B 303 3.13 -8.21 14.78
C ASN B 303 4.48 -7.55 14.98
N CYS B 304 4.50 -6.55 15.87
CA CYS B 304 5.72 -5.93 16.35
C CYS B 304 5.71 -6.00 17.87
N ASN B 305 6.82 -6.44 18.45
CA ASN B 305 6.94 -6.57 19.89
C ASN B 305 7.83 -5.47 20.41
N VAL B 306 7.41 -4.85 21.51
CA VAL B 306 8.19 -3.84 22.20
C VAL B 306 8.95 -4.53 23.31
N TRP B 307 10.27 -4.41 23.31
CA TRP B 307 11.13 -5.09 24.27
C TRP B 307 11.74 -4.08 25.22
N ASP B 308 11.69 -4.39 26.52
CA ASP B 308 12.40 -3.58 27.50
C ASP B 308 13.89 -3.84 27.38
N ALA B 309 14.55 -3.13 26.48
CA ALA B 309 15.92 -3.47 26.09
C ALA B 309 16.84 -3.66 27.28
N LEU B 310 16.50 -3.11 28.44
CA LEU B 310 17.34 -3.27 29.61
C LEU B 310 17.10 -4.56 30.37
N LYS B 311 15.95 -5.21 30.18
CA LYS B 311 15.63 -6.44 30.89
C LYS B 311 15.13 -7.56 29.99
N ALA B 312 14.92 -7.32 28.71
CA ALA B 312 14.48 -8.34 27.77
C ALA B 312 13.16 -8.95 28.21
N ASP B 313 12.13 -8.10 28.25
CA ASP B 313 10.77 -8.52 28.56
C ASP B 313 9.84 -7.94 27.52
N ARG B 314 8.85 -8.73 27.11
CA ARG B 314 7.84 -8.22 26.19
C ARG B 314 6.98 -7.19 26.91
N ALA B 315 7.18 -5.92 26.61
CA ALA B 315 6.43 -4.84 27.24
C ALA B 315 5.15 -4.50 26.49
N GLY B 316 4.93 -5.08 25.32
CA GLY B 316 3.72 -4.80 24.58
C GLY B 316 3.79 -5.36 23.18
N VAL B 317 2.65 -5.26 22.50
CA VAL B 317 2.50 -5.79 21.15
C VAL B 317 1.71 -4.79 20.33
N LEU B 318 2.15 -4.55 19.09
CA LEU B 318 1.43 -3.67 18.17
C LEU B 318 0.68 -4.56 17.19
N ALA B 319 -0.49 -5.01 17.62
CA ALA B 319 -1.35 -5.88 16.80
C ALA B 319 -1.97 -5.04 15.69
N GLY B 320 -1.64 -5.38 14.46
CA GLY B 320 -2.17 -4.66 13.31
C GLY B 320 -1.67 -5.30 12.05
N HIS B 321 -2.11 -4.76 10.91
CA HIS B 321 -1.68 -5.23 9.62
C HIS B 321 -2.19 -6.64 9.35
N ASP B 322 -2.44 -6.96 8.08
CA ASP B 322 -2.93 -8.27 7.67
C ASP B 322 -1.86 -9.10 6.97
N ASN B 323 -0.61 -8.67 7.02
CA ASN B 323 0.48 -9.39 6.36
C ASN B 323 1.77 -9.08 7.10
N ARG B 324 2.89 -9.53 6.53
CA ARG B 324 4.19 -9.39 7.18
C ARG B 324 4.55 -7.93 7.35
N VAL B 325 5.16 -7.60 8.50
CA VAL B 325 5.65 -6.25 8.76
C VAL B 325 7.08 -6.15 8.24
N SER B 326 7.30 -5.24 7.30
CA SER B 326 8.58 -5.17 6.60
C SER B 326 9.48 -4.05 7.06
N CYS B 327 8.93 -2.94 7.57
CA CYS B 327 9.73 -1.79 7.92
C CYS B 327 9.26 -1.20 9.24
N LEU B 328 10.18 -0.53 9.93
CA LEU B 328 9.90 0.16 11.18
C LEU B 328 10.54 1.53 11.14
N GLY B 329 10.07 2.41 12.02
CA GLY B 329 10.64 3.73 12.11
C GLY B 329 10.22 4.46 13.37
N VAL B 330 11.10 5.31 13.89
CA VAL B 330 10.79 6.15 15.02
C VAL B 330 11.29 7.56 14.71
N THR B 331 10.46 8.56 14.95
CA THR B 331 10.75 9.97 14.61
C THR B 331 11.90 10.46 15.47
N ASP B 332 12.74 11.34 14.94
CA ASP B 332 13.91 11.82 15.67
C ASP B 332 13.52 12.37 17.04
N ASP B 333 12.30 12.89 17.17
CA ASP B 333 11.81 13.39 18.45
C ASP B 333 11.20 12.30 19.31
N GLY B 334 11.02 11.09 18.77
CA GLY B 334 10.47 9.99 19.55
C GLY B 334 9.00 10.12 19.84
N MET B 335 8.25 10.84 19.02
CA MET B 335 6.84 11.07 19.26
C MET B 335 5.93 10.09 18.53
N ALA B 336 6.48 9.16 17.76
CA ALA B 336 5.62 8.26 17.00
C ALA B 336 6.44 7.09 16.48
N VAL B 337 5.74 6.04 16.09
CA VAL B 337 6.32 4.85 15.47
C VAL B 337 5.51 4.53 14.23
N ALA B 338 6.20 4.31 13.12
CA ALA B 338 5.55 3.96 11.86
C ALA B 338 5.98 2.58 11.43
N THR B 339 5.02 1.78 10.96
CA THR B 339 5.28 0.43 10.53
C THR B 339 4.57 0.19 9.21
N GLY B 340 5.28 -0.42 8.26
CA GLY B 340 4.72 -0.81 7.00
C GLY B 340 4.64 -2.33 6.91
N SER B 341 3.78 -2.81 6.03
CA SER B 341 3.56 -4.24 5.89
C SER B 341 3.28 -4.58 4.44
N TRP B 342 3.26 -5.89 4.16
CA TRP B 342 2.95 -6.36 2.82
C TRP B 342 1.49 -6.17 2.46
N ASP B 343 0.64 -5.78 3.41
CA ASP B 343 -0.75 -5.46 3.11
C ASP B 343 -0.93 -4.09 2.49
N SER B 344 0.16 -3.36 2.24
CA SER B 344 0.11 -2.07 1.57
C SER B 344 -0.51 -0.99 2.44
N PHE B 345 -0.14 -0.96 3.73
CA PHE B 345 -0.63 0.04 4.66
C PHE B 345 0.48 0.43 5.62
N LEU B 346 0.61 1.73 5.87
CA LEU B 346 1.47 2.26 6.92
C LEU B 346 0.60 2.71 8.07
N LYS B 347 1.03 2.39 9.29
CA LYS B 347 0.28 2.71 10.49
C LYS B 347 1.20 3.39 11.49
N ILE B 348 0.75 4.52 12.03
CA ILE B 348 1.51 5.31 12.98
C ILE B 348 0.96 5.06 14.37
N TRP B 349 1.86 4.82 15.32
CA TRP B 349 1.50 4.45 16.68
C TRP B 349 2.07 5.47 17.66
N ASN B 350 1.43 5.58 18.82
CA ASN B 350 1.86 6.53 19.82
C ASN B 350 1.56 5.99 21.21
N ILE C 9 45.75 -19.79 -1.52
CA ILE C 9 47.07 -19.62 -0.91
C ILE C 9 47.28 -18.15 -0.57
N ALA C 10 46.71 -17.26 -1.40
CA ALA C 10 46.79 -15.82 -1.17
C ALA C 10 45.48 -15.23 -0.65
N GLN C 11 44.35 -15.89 -0.89
CA GLN C 11 43.08 -15.38 -0.38
C GLN C 11 43.06 -15.33 1.13
N ALA C 12 43.65 -16.33 1.78
CA ALA C 12 43.70 -16.38 3.23
C ALA C 12 44.83 -15.51 3.81
N ARG C 13 45.70 -14.96 2.97
CA ARG C 13 46.77 -14.12 3.49
C ARG C 13 46.23 -12.89 4.19
N LYS C 14 45.26 -12.21 3.58
CA LYS C 14 44.69 -11.01 4.18
C LYS C 14 43.72 -11.35 5.33
N LEU C 15 43.17 -12.57 5.32
CA LEU C 15 42.25 -12.95 6.38
C LEU C 15 42.94 -12.97 7.74
N VAL C 16 44.16 -13.51 7.80
CA VAL C 16 44.90 -13.52 9.05
C VAL C 16 45.28 -12.10 9.46
N GLU C 17 45.61 -11.25 8.49
CA GLU C 17 46.02 -9.90 8.81
C GLU C 17 44.89 -9.12 9.47
N GLN C 18 43.65 -9.29 8.98
CA GLN C 18 42.51 -8.61 9.59
C GLN C 18 42.33 -9.04 11.03
N LEU C 19 42.46 -10.34 11.30
CA LEU C 19 42.29 -10.82 12.67
C LEU C 19 43.29 -10.19 13.62
N LYS C 20 44.54 -10.05 13.18
CA LYS C 20 45.56 -9.44 14.02
C LYS C 20 45.13 -8.03 14.44
N MET C 21 44.57 -7.26 13.52
CA MET C 21 44.06 -5.94 13.87
C MET C 21 42.89 -6.04 14.85
N GLU C 22 41.98 -6.98 14.61
CA GLU C 22 40.79 -7.08 15.44
C GLU C 22 41.10 -7.64 16.82
N ALA C 23 42.18 -8.40 16.95
CA ALA C 23 42.53 -8.99 18.24
C ALA C 23 43.21 -8.00 19.16
N ASN C 24 43.74 -6.90 18.64
CA ASN C 24 44.44 -5.90 19.45
C ASN C 24 43.50 -4.71 19.65
N ILE C 25 42.61 -4.84 20.63
CA ILE C 25 41.66 -3.81 21.00
C ILE C 25 41.66 -3.68 22.52
N ASP C 26 41.63 -2.44 23.01
CA ASP C 26 41.61 -2.19 24.45
C ASP C 26 40.18 -2.28 24.92
N ARG C 27 39.74 -3.51 25.20
CA ARG C 27 38.36 -3.76 25.62
C ARG C 27 38.17 -3.35 27.08
N ILE C 28 36.90 -3.29 27.48
CA ILE C 28 36.52 -2.92 28.83
C ILE C 28 35.54 -3.95 29.38
N LYS C 29 35.45 -3.99 30.70
CA LYS C 29 34.55 -4.93 31.36
C LYS C 29 33.11 -4.68 30.92
N VAL C 30 32.37 -5.77 30.72
CA VAL C 30 30.96 -5.63 30.36
C VAL C 30 30.20 -4.94 31.49
N SER C 31 30.68 -5.11 32.73
CA SER C 31 30.02 -4.45 33.85
C SER C 31 30.01 -2.93 33.68
N LYS C 32 31.14 -2.36 33.28
CA LYS C 32 31.19 -0.94 33.00
C LYS C 32 30.36 -0.59 31.77
N ALA C 33 30.52 -1.35 30.69
CA ALA C 33 29.80 -1.07 29.46
C ALA C 33 28.30 -1.19 29.66
N ALA C 34 27.86 -2.20 30.41
CA ALA C 34 26.44 -2.34 30.72
C ALA C 34 25.95 -1.18 31.56
N ALA C 35 26.75 -0.74 32.53
CA ALA C 35 26.34 0.35 33.40
C ALA C 35 26.13 1.64 32.60
N ASP C 36 27.01 1.92 31.64
CA ASP C 36 26.87 3.13 30.84
C ASP C 36 25.56 3.13 30.08
N LEU C 37 25.17 1.98 29.53
CA LEU C 37 23.88 1.90 28.83
C LEU C 37 22.73 2.14 29.78
N MET C 38 22.81 1.60 31.00
CA MET C 38 21.75 1.83 31.98
C MET C 38 21.63 3.31 32.32
N ALA C 39 22.77 3.98 32.51
CA ALA C 39 22.73 5.39 32.87
C ALA C 39 22.13 6.23 31.76
N TYR C 40 22.50 5.96 30.51
CA TYR C 40 22.01 6.79 29.41
C TYR C 40 20.50 6.71 29.30
N CYS C 41 19.95 5.51 29.35
CA CYS C 41 18.51 5.35 29.19
C CYS C 41 17.73 5.90 30.37
N GLU C 42 18.42 6.24 31.46
CA GLU C 42 17.78 6.85 32.62
C GLU C 42 17.85 8.36 32.60
N ALA C 43 19.01 8.93 32.24
CA ALA C 43 19.13 10.38 32.16
C ALA C 43 18.20 10.95 31.09
N HIS C 44 18.19 10.34 29.92
CA HIS C 44 17.27 10.74 28.85
C HIS C 44 15.98 9.93 28.91
N ALA C 45 15.37 9.84 30.09
CA ALA C 45 14.16 9.06 30.27
C ALA C 45 12.90 9.91 30.30
N LYS C 46 13.00 11.16 30.76
CA LYS C 46 11.87 12.06 30.79
C LYS C 46 11.57 12.67 29.42
N GLU C 47 12.47 12.53 28.46
CA GLU C 47 12.32 13.10 27.13
C GLU C 47 11.92 12.06 26.09
N ASP C 48 11.34 10.94 26.52
CA ASP C 48 10.93 9.87 25.61
C ASP C 48 9.42 9.73 25.61
N PRO C 49 8.72 10.28 24.61
CA PRO C 49 7.25 10.19 24.63
C PRO C 49 6.71 8.78 24.68
N LEU C 50 7.34 7.83 23.98
CA LEU C 50 6.79 6.48 23.92
C LEU C 50 6.88 5.79 25.27
N LEU C 51 7.99 5.98 25.99
CA LEU C 51 8.16 5.31 27.27
C LEU C 51 7.10 5.73 28.28
N THR C 52 6.83 7.02 28.37
CA THR C 52 5.83 7.57 29.27
C THR C 52 4.81 8.36 28.47
N PRO C 53 3.52 8.05 28.54
CA PRO C 53 2.55 8.77 27.69
C PRO C 53 2.61 10.27 27.91
N VAL C 54 2.51 11.01 26.81
CA VAL C 54 2.60 12.46 26.82
C VAL C 54 1.18 13.03 26.91
N PRO C 55 0.97 14.20 27.53
CA PRO C 55 -0.39 14.73 27.61
C PRO C 55 -1.00 14.91 26.23
N ALA C 56 -2.31 14.66 26.14
CA ALA C 56 -2.98 14.70 24.84
C ALA C 56 -2.95 16.08 24.21
N SER C 57 -2.66 17.13 24.99
CA SER C 57 -2.58 18.46 24.43
C SER C 57 -1.29 18.67 23.65
N GLU C 58 -0.20 18.05 24.08
CA GLU C 58 1.10 18.20 23.44
C GLU C 58 1.34 17.17 22.34
N ASN C 59 0.40 16.26 22.12
CA ASN C 59 0.60 15.16 21.19
C ASN C 59 0.18 15.59 19.79
N PRO C 60 1.10 15.65 18.82
CA PRO C 60 0.69 16.05 17.47
C PRO C 60 -0.25 15.08 16.81
N PHE C 61 -0.36 13.85 17.32
CA PHE C 61 -1.27 12.87 16.75
C PHE C 61 -2.47 12.64 17.66
N ASP D 1 15.38 28.07 -18.74
CA ASP D 1 15.03 28.61 -17.43
C ASP D 1 13.55 28.93 -17.35
N VAL D 2 13.06 29.17 -16.12
CA VAL D 2 11.66 29.50 -15.93
C VAL D 2 11.37 30.82 -16.62
N GLN D 3 10.20 30.92 -17.23
CA GLN D 3 9.85 32.10 -18.01
C GLN D 3 8.35 32.18 -18.18
N LEU D 4 7.75 33.29 -17.72
CA LEU D 4 6.35 33.62 -17.98
C LEU D 4 6.32 34.92 -18.76
N VAL D 5 5.71 34.88 -19.94
CA VAL D 5 5.59 36.06 -20.80
C VAL D 5 4.13 36.26 -21.14
N GLU D 6 3.65 37.48 -20.95
CA GLU D 6 2.25 37.82 -21.18
C GLU D 6 2.12 38.72 -22.40
N SER D 7 0.96 38.67 -23.02
CA SER D 7 0.65 39.52 -24.17
C SER D 7 -0.86 39.70 -24.24
N GLY D 8 -1.27 40.69 -25.04
CA GLY D 8 -2.68 41.00 -25.19
C GLY D 8 -3.08 42.36 -24.65
N GLY D 9 -2.19 43.09 -23.99
CA GLY D 9 -2.51 44.41 -23.51
C GLY D 9 -2.47 45.45 -24.60
N GLY D 10 -2.87 46.67 -24.24
CA GLY D 10 -2.89 47.76 -25.19
C GLY D 10 -3.96 48.77 -24.83
N LEU D 11 -4.42 49.49 -25.85
CA LEU D 11 -5.43 50.53 -25.70
C LEU D 11 -6.78 50.00 -26.16
N VAL D 12 -7.78 50.11 -25.30
CA VAL D 12 -9.14 49.66 -25.59
C VAL D 12 -10.10 50.74 -25.15
N GLN D 13 -11.27 50.78 -25.79
CA GLN D 13 -12.29 51.74 -25.45
C GLN D 13 -13.13 51.26 -24.27
N PRO D 14 -13.70 52.16 -23.48
CA PRO D 14 -14.52 51.73 -22.34
C PRO D 14 -15.70 50.90 -22.80
N GLY D 15 -16.03 49.88 -22.00
CA GLY D 15 -17.11 48.97 -22.33
C GLY D 15 -16.74 47.87 -23.29
N GLY D 16 -15.51 47.84 -23.79
CA GLY D 16 -15.06 46.78 -24.67
C GLY D 16 -14.57 45.58 -23.89
N SER D 17 -13.96 44.65 -24.62
CA SER D 17 -13.43 43.42 -24.03
C SER D 17 -12.07 43.09 -24.64
N ARG D 18 -11.21 42.48 -23.82
CA ARG D 18 -9.90 42.02 -24.26
C ARG D 18 -9.58 40.71 -23.56
N LYS D 19 -8.59 40.01 -24.10
CA LYS D 19 -8.12 38.75 -23.53
C LYS D 19 -6.63 38.85 -23.30
N LEU D 20 -6.18 38.47 -22.10
CA LEU D 20 -4.77 38.46 -21.76
C LEU D 20 -4.27 37.02 -21.75
N SER D 21 -3.13 36.79 -22.39
CA SER D 21 -2.56 35.46 -22.52
C SER D 21 -1.20 35.43 -21.82
N CYS D 22 -0.99 34.40 -21.00
CA CYS D 22 0.26 34.21 -20.28
C CYS D 22 0.79 32.83 -20.62
N SER D 23 1.87 32.78 -21.40
CA SER D 23 2.44 31.52 -21.87
C SER D 23 3.66 31.17 -21.03
N ALA D 24 3.59 30.04 -20.34
CA ALA D 24 4.67 29.56 -19.51
C ALA D 24 5.63 28.69 -20.33
N SER D 25 6.89 28.68 -19.91
CA SER D 25 7.91 27.89 -20.61
C SER D 25 9.06 27.62 -19.64
N GLY D 26 9.17 26.38 -19.18
CA GLY D 26 10.32 25.99 -18.38
C GLY D 26 10.00 25.38 -17.04
N PHE D 27 8.78 24.91 -16.86
CA PHE D 27 8.43 24.22 -15.62
C PHE D 27 7.14 23.44 -15.84
N ALA D 28 6.77 22.65 -14.83
CA ALA D 28 5.58 21.81 -14.89
C ALA D 28 4.35 22.68 -14.68
N PHE D 29 3.92 23.35 -15.75
CA PHE D 29 2.81 24.27 -15.65
C PHE D 29 1.55 23.60 -15.12
N SER D 30 1.38 22.31 -15.41
CA SER D 30 0.16 21.62 -15.01
C SER D 30 0.01 21.52 -13.49
N SER D 31 1.11 21.59 -12.75
CA SER D 31 1.10 21.37 -11.32
C SER D 31 1.01 22.66 -10.50
N PHE D 32 1.05 23.82 -11.15
CA PHE D 32 1.12 25.10 -10.47
C PHE D 32 -0.22 25.82 -10.56
N GLY D 33 -0.73 26.28 -9.42
CA GLY D 33 -1.79 27.26 -9.45
C GLY D 33 -1.27 28.59 -9.96
N MET D 34 -2.14 29.34 -10.62
CA MET D 34 -1.74 30.56 -11.29
C MET D 34 -2.65 31.70 -10.88
N HIS D 35 -2.05 32.86 -10.65
CA HIS D 35 -2.75 34.06 -10.20
C HIS D 35 -2.63 35.15 -11.26
N TRP D 36 -3.50 36.15 -11.15
CA TRP D 36 -3.37 37.39 -11.89
C TRP D 36 -3.29 38.51 -10.87
N VAL D 37 -2.29 39.37 -11.01
CA VAL D 37 -2.10 40.52 -10.13
C VAL D 37 -1.86 41.73 -11.00
N ARG D 38 -2.56 42.83 -10.70
CA ARG D 38 -2.46 44.06 -11.47
C ARG D 38 -1.97 45.19 -10.58
N GLN D 39 -1.33 46.17 -11.20
CA GLN D 39 -0.78 47.33 -10.49
C GLN D 39 -1.07 48.57 -11.32
N ALA D 40 -2.09 49.31 -10.92
CA ALA D 40 -2.44 50.53 -11.64
C ALA D 40 -1.29 51.52 -11.55
N PRO D 41 -1.20 52.46 -12.49
CA PRO D 41 -0.05 53.36 -12.53
C PRO D 41 0.28 53.96 -11.18
N GLU D 42 1.45 53.61 -10.65
CA GLU D 42 1.97 54.13 -9.39
C GLU D 42 0.91 54.16 -8.30
N LYS D 43 0.22 53.02 -8.13
CA LYS D 43 -0.75 52.88 -7.05
C LYS D 43 -0.39 51.75 -6.10
N GLY D 44 -0.14 50.55 -6.59
CA GLY D 44 0.19 49.42 -5.73
C GLY D 44 -0.42 48.13 -6.20
N LEU D 45 0.17 47.00 -5.80
CA LEU D 45 -0.29 45.71 -6.28
C LEU D 45 -1.71 45.42 -5.78
N GLU D 46 -2.46 44.69 -6.61
CA GLU D 46 -3.82 44.29 -6.24
C GLU D 46 -4.12 42.96 -6.89
N TRP D 47 -4.55 42.00 -6.08
CA TRP D 47 -4.85 40.65 -6.56
C TRP D 47 -6.15 40.65 -7.35
N VAL D 48 -6.20 39.84 -8.40
CA VAL D 48 -7.32 39.84 -9.35
C VAL D 48 -8.05 38.50 -9.36
N ALA D 49 -7.37 37.43 -9.74
CA ALA D 49 -8.01 36.13 -9.89
C ALA D 49 -7.02 35.02 -9.64
N TYR D 50 -7.55 33.83 -9.37
CA TYR D 50 -6.73 32.65 -9.07
C TYR D 50 -7.41 31.42 -9.64
N ILE D 51 -6.64 30.59 -10.34
CA ILE D 51 -7.13 29.32 -10.88
C ILE D 51 -6.19 28.22 -10.42
N SER D 52 -6.75 27.17 -9.81
CA SER D 52 -5.92 26.16 -9.16
C SER D 52 -5.30 25.24 -10.19
N SER D 53 -4.61 24.20 -9.70
CA SER D 53 -4.07 23.17 -10.56
C SER D 53 -5.16 22.13 -10.84
N GLY D 54 -5.39 21.84 -12.12
CA GLY D 54 -6.54 21.08 -12.51
C GLY D 54 -7.80 21.89 -12.66
N SER D 55 -7.74 23.20 -12.45
CA SER D 55 -8.86 24.11 -12.64
C SER D 55 -10.01 23.84 -11.67
N GLY D 56 -9.74 23.11 -10.58
CA GLY D 56 -10.82 22.78 -9.65
C GLY D 56 -11.40 24.00 -8.96
N THR D 57 -10.54 24.90 -8.50
CA THR D 57 -10.95 26.06 -7.70
C THR D 57 -10.63 27.35 -8.44
N ILE D 58 -11.58 28.27 -8.42
CA ILE D 58 -11.41 29.58 -9.05
C ILE D 58 -11.95 30.64 -8.10
N TYR D 59 -11.20 31.72 -7.93
CA TYR D 59 -11.59 32.84 -7.09
C TYR D 59 -11.37 34.13 -7.85
N TYR D 60 -12.17 35.14 -7.52
CA TYR D 60 -12.04 36.46 -8.13
C TYR D 60 -12.13 37.51 -7.04
N ALA D 61 -11.50 38.65 -7.28
CA ALA D 61 -11.69 39.80 -6.41
C ALA D 61 -13.10 40.35 -6.58
N ASP D 62 -13.62 40.95 -5.52
CA ASP D 62 -14.98 41.48 -5.59
C ASP D 62 -15.10 42.53 -6.69
N THR D 63 -14.02 43.24 -6.99
CA THR D 63 -14.09 44.29 -8.00
C THR D 63 -14.40 43.73 -9.38
N VAL D 64 -13.83 42.57 -9.71
CA VAL D 64 -13.91 42.02 -11.06
C VAL D 64 -14.84 40.82 -11.15
N LYS D 65 -15.51 40.44 -10.06
CA LYS D 65 -16.43 39.32 -10.12
C LYS D 65 -17.54 39.59 -11.12
N GLY D 66 -17.81 38.61 -11.97
CA GLY D 66 -18.84 38.75 -12.99
C GLY D 66 -18.34 39.27 -14.31
N ARG D 67 -17.42 40.25 -14.27
CA ARG D 67 -16.88 40.80 -15.51
C ARG D 67 -15.74 39.94 -16.05
N PHE D 68 -14.83 39.51 -15.18
CA PHE D 68 -13.66 38.76 -15.58
C PHE D 68 -13.90 37.26 -15.40
N THR D 69 -13.19 36.47 -16.20
CA THR D 69 -13.17 35.02 -16.05
C THR D 69 -11.80 34.51 -16.44
N ILE D 70 -11.26 33.59 -15.64
CA ILE D 70 -9.91 33.08 -15.79
C ILE D 70 -9.98 31.63 -16.24
N SER D 71 -9.20 31.29 -17.27
CA SER D 71 -9.20 29.94 -17.81
C SER D 71 -7.76 29.50 -18.05
N ARG D 72 -7.55 28.19 -18.04
CA ARG D 72 -6.23 27.58 -18.13
C ARG D 72 -6.23 26.54 -19.23
N ASP D 73 -5.16 26.52 -20.02
CA ASP D 73 -5.01 25.61 -21.15
C ASP D 73 -3.75 24.78 -20.92
N ASP D 74 -3.90 23.68 -20.18
CA ASP D 74 -2.73 22.91 -19.75
C ASP D 74 -1.92 22.38 -20.91
N PRO D 75 -2.49 21.70 -21.91
CA PRO D 75 -1.66 21.15 -22.98
C PRO D 75 -0.83 22.20 -23.69
N LYS D 76 -1.36 23.40 -23.90
CA LYS D 76 -0.65 24.46 -24.59
C LYS D 76 0.19 25.33 -23.65
N ASN D 77 0.11 25.09 -22.34
CA ASN D 77 0.88 25.86 -21.35
C ASN D 77 0.59 27.35 -21.47
N THR D 78 -0.70 27.68 -21.37
CA THR D 78 -1.15 29.06 -21.47
C THR D 78 -2.19 29.34 -20.39
N LEU D 79 -2.14 30.56 -19.86
CA LEU D 79 -3.10 31.05 -18.89
C LEU D 79 -3.82 32.25 -19.48
N PHE D 80 -5.14 32.28 -19.37
CA PHE D 80 -5.96 33.29 -20.03
C PHE D 80 -6.69 34.13 -18.99
N LEU D 81 -7.04 35.35 -19.40
CA LEU D 81 -7.93 36.22 -18.63
C LEU D 81 -8.83 36.94 -19.63
N GLN D 82 -10.13 36.67 -19.55
CA GLN D 82 -11.11 37.28 -20.43
C GLN D 82 -11.81 38.41 -19.68
N MET D 83 -11.63 39.63 -20.15
CA MET D 83 -12.21 40.81 -19.55
C MET D 83 -13.34 41.33 -20.43
N THR D 84 -14.56 41.39 -19.87
CA THR D 84 -15.76 41.59 -20.67
C THR D 84 -16.11 43.07 -20.82
N SER D 85 -16.34 43.75 -19.70
CA SER D 85 -16.72 45.16 -19.70
C SER D 85 -15.70 45.92 -18.86
N LEU D 86 -14.82 46.67 -19.52
CA LEU D 86 -13.70 47.31 -18.86
C LEU D 86 -14.03 48.77 -18.56
N ARG D 87 -14.00 49.12 -17.28
CA ARG D 87 -14.13 50.51 -16.86
C ARG D 87 -12.79 51.22 -16.99
N SER D 88 -12.78 52.52 -16.72
CA SER D 88 -11.53 53.25 -16.69
C SER D 88 -10.69 52.90 -15.48
N GLU D 89 -11.25 52.16 -14.52
CA GLU D 89 -10.54 51.78 -13.31
C GLU D 89 -9.74 50.49 -13.48
N ASP D 90 -9.82 49.84 -14.63
CA ASP D 90 -9.09 48.61 -14.88
C ASP D 90 -7.73 48.81 -15.51
N THR D 91 -7.37 50.04 -15.87
CA THR D 91 -6.06 50.30 -16.44
C THR D 91 -4.98 49.94 -15.44
N ALA D 92 -4.06 49.06 -15.84
CA ALA D 92 -3.00 48.60 -14.95
C ALA D 92 -2.09 47.67 -15.73
N MET D 93 -0.96 47.34 -15.11
CA MET D 93 -0.04 46.34 -15.64
C MET D 93 -0.35 45.01 -14.98
N TYR D 94 -0.81 44.05 -15.77
CA TYR D 94 -1.26 42.76 -15.26
C TYR D 94 -0.09 41.79 -15.23
N TYR D 95 0.11 41.15 -14.08
CA TYR D 95 1.22 40.24 -13.86
C TYR D 95 0.71 38.81 -13.76
N CYS D 96 1.49 37.89 -14.30
CA CYS D 96 1.20 36.45 -14.24
C CYS D 96 2.10 35.83 -13.19
N VAL D 97 1.51 35.14 -12.23
CA VAL D 97 2.24 34.61 -11.09
C VAL D 97 1.96 33.12 -10.99
N ARG D 98 2.86 32.40 -10.33
CA ARG D 98 2.73 30.97 -10.15
C ARG D 98 2.80 30.63 -8.67
N SER D 99 1.97 29.66 -8.26
CA SER D 99 1.92 29.25 -6.86
C SER D 99 1.70 27.76 -6.79
N ILE D 100 2.53 27.07 -6.02
CA ILE D 100 2.40 25.64 -5.78
C ILE D 100 2.23 25.42 -4.29
N TYR D 101 1.21 24.67 -3.92
CA TYR D 101 0.82 24.51 -2.51
C TYR D 101 1.04 23.05 -2.10
N TYR D 102 1.98 22.85 -1.20
CA TYR D 102 2.14 21.59 -0.47
C TYR D 102 2.99 21.91 0.75
N TYR D 103 3.08 20.96 1.66
CA TYR D 103 3.74 21.24 2.93
C TYR D 103 5.16 21.73 2.72
N GLY D 104 5.40 23.00 3.01
CA GLY D 104 6.74 23.55 2.93
C GLY D 104 7.14 24.12 1.60
N SER D 105 6.19 24.63 0.82
CA SER D 105 6.47 25.17 -0.50
C SER D 105 6.55 26.70 -0.44
N SER D 106 6.99 27.28 -1.57
CA SER D 106 7.09 28.73 -1.73
C SER D 106 6.11 29.17 -2.81
N PRO D 107 4.90 29.60 -2.45
CA PRO D 107 3.83 29.73 -3.44
C PRO D 107 3.73 31.06 -4.18
N PHE D 108 4.74 31.93 -4.16
CA PHE D 108 4.68 33.12 -5.01
C PHE D 108 6.05 33.45 -5.60
N ASP D 109 6.88 32.44 -5.83
CA ASP D 109 8.30 32.69 -6.08
C ASP D 109 8.51 33.48 -7.37
N PHE D 110 7.92 33.03 -8.48
CA PHE D 110 8.19 33.61 -9.79
C PHE D 110 7.01 34.42 -10.29
N TRP D 111 7.30 35.62 -10.77
CA TRP D 111 6.31 36.53 -11.33
C TRP D 111 6.60 36.76 -12.81
N GLY D 112 5.55 37.00 -13.58
CA GLY D 112 5.73 37.30 -14.99
C GLY D 112 6.34 38.67 -15.19
N GLN D 113 6.54 39.02 -16.47
CA GLN D 113 7.10 40.33 -16.79
C GLN D 113 6.03 41.42 -16.84
N GLY D 114 4.80 41.05 -17.11
CA GLY D 114 3.69 41.98 -17.06
C GLY D 114 3.34 42.55 -18.43
N THR D 115 2.06 42.87 -18.61
CA THR D 115 1.57 43.49 -19.83
C THR D 115 0.71 44.69 -19.47
N THR D 116 0.95 45.81 -20.14
CA THR D 116 0.26 47.06 -19.85
C THR D 116 -1.09 47.09 -20.55
N LEU D 117 -2.12 47.51 -19.81
CA LEU D 117 -3.46 47.68 -20.35
C LEU D 117 -3.93 49.09 -20.05
N THR D 118 -4.39 49.81 -21.08
CA THR D 118 -4.84 51.18 -20.95
C THR D 118 -6.27 51.30 -21.43
N VAL D 119 -7.10 51.97 -20.63
CA VAL D 119 -8.50 52.22 -20.96
C VAL D 119 -8.70 53.73 -21.05
N SER D 120 -9.21 54.18 -22.19
CA SER D 120 -9.40 55.61 -22.40
C SER D 120 -10.50 56.15 -21.51
N SER D 121 -10.50 57.48 -21.37
CA SER D 121 -11.53 58.16 -20.58
C SER D 121 -12.29 59.16 -21.44
N SER D 136 -14.97 42.78 6.49
CA SER D 136 -15.10 41.64 5.59
C SER D 136 -13.72 41.16 5.13
N ASP D 137 -12.97 42.05 4.48
CA ASP D 137 -11.64 41.74 4.00
C ASP D 137 -10.59 42.15 5.03
N ILE D 138 -9.45 41.47 4.99
CA ILE D 138 -8.35 41.79 5.88
C ILE D 138 -7.62 43.00 5.33
N VAL D 139 -7.40 44.00 6.17
CA VAL D 139 -6.79 45.26 5.77
C VAL D 139 -5.36 45.28 6.27
N MET D 140 -4.41 45.47 5.37
CA MET D 140 -2.99 45.53 5.69
C MET D 140 -2.47 46.93 5.38
N THR D 141 -1.77 47.52 6.35
CA THR D 141 -1.33 48.91 6.25
C THR D 141 0.17 49.01 6.46
N GLN D 142 0.81 49.83 5.63
CA GLN D 142 2.22 50.18 5.80
C GLN D 142 2.29 51.67 6.12
N ALA D 143 2.58 51.97 7.38
CA ALA D 143 2.45 53.35 7.86
C ALA D 143 3.34 54.30 7.06
N THR D 144 4.62 53.98 6.95
CA THR D 144 5.57 54.88 6.30
C THR D 144 5.59 54.61 4.80
N SER D 145 5.61 55.71 4.03
CA SER D 145 5.64 55.63 2.58
C SER D 145 7.06 55.70 2.00
N SER D 146 7.95 56.47 2.61
CA SER D 146 9.32 56.58 2.15
C SER D 146 10.26 56.46 3.35
N VAL D 147 11.47 55.99 3.08
CA VAL D 147 12.47 55.78 4.13
C VAL D 147 13.86 56.04 3.56
N PRO D 148 14.37 57.27 3.65
CA PRO D 148 15.74 57.52 3.16
C PRO D 148 16.76 56.72 3.96
N VAL D 149 17.79 56.24 3.26
CA VAL D 149 18.85 55.46 3.88
C VAL D 149 20.03 55.40 2.92
N THR D 150 21.21 55.10 3.46
CA THR D 150 22.44 54.97 2.71
C THR D 150 22.97 53.54 2.84
N PRO D 151 23.80 53.09 1.89
CA PRO D 151 24.31 51.72 1.96
C PRO D 151 25.07 51.46 3.26
N GLY D 152 24.97 50.22 3.73
CA GLY D 152 25.63 49.81 4.95
C GLY D 152 24.85 50.08 6.23
N GLU D 153 23.64 50.59 6.13
CA GLU D 153 22.82 50.94 7.28
C GLU D 153 21.67 49.96 7.41
N SER D 154 21.41 49.51 8.64
CA SER D 154 20.29 48.62 8.90
C SER D 154 18.98 49.35 8.69
N VAL D 155 17.99 48.64 8.15
CA VAL D 155 16.68 49.20 7.86
C VAL D 155 15.63 48.25 8.41
N SER D 156 14.45 48.80 8.68
CA SER D 156 13.32 48.01 9.16
C SER D 156 12.04 48.53 8.54
N ILE D 157 11.18 47.62 8.11
CA ILE D 157 9.90 47.94 7.51
C ILE D 157 8.84 47.10 8.18
N SER D 158 7.72 47.71 8.55
CA SER D 158 6.67 47.04 9.30
C SER D 158 5.30 47.30 8.68
N CYS D 159 4.44 46.30 8.76
CA CYS D 159 3.06 46.43 8.28
C CYS D 159 2.14 45.64 9.20
N ARG D 160 1.03 46.26 9.58
CA ARG D 160 0.08 45.69 10.52
C ARG D 160 -0.99 44.91 9.74
N SER D 161 -2.04 44.49 10.45
CA SER D 161 -3.14 43.76 9.82
C SER D 161 -4.38 43.90 10.72
N SER D 162 -5.53 43.54 10.14
CA SER D 162 -6.78 43.59 10.89
C SER D 162 -6.94 42.36 11.77
N LYS D 163 -6.97 41.17 11.16
CA LYS D 163 -7.03 39.93 11.90
C LYS D 163 -5.63 39.40 12.16
N SER D 164 -5.52 38.48 13.11
CA SER D 164 -4.25 37.83 13.41
C SER D 164 -3.98 36.78 12.33
N LEU D 165 -2.88 36.96 11.60
CA LEU D 165 -2.53 36.02 10.54
C LEU D 165 -2.07 34.69 11.09
N LEU D 166 -1.79 34.60 12.39
CA LEU D 166 -1.48 33.33 13.00
C LEU D 166 -2.67 32.39 12.92
N HIS D 167 -2.40 31.12 12.69
CA HIS D 167 -3.43 30.09 12.53
C HIS D 167 -3.22 28.99 13.55
N SER D 168 -4.18 28.06 13.60
CA SER D 168 -4.03 26.89 14.47
C SER D 168 -2.81 26.07 14.06
N ASN D 169 -2.43 26.11 12.78
CA ASN D 169 -1.28 25.35 12.32
C ASN D 169 0.02 25.85 12.92
N GLY D 170 0.03 27.05 13.49
CA GLY D 170 1.25 27.68 13.91
C GLY D 170 1.96 28.45 12.81
N ASN D 171 1.43 28.41 11.60
CA ASN D 171 2.00 29.13 10.47
C ASN D 171 1.37 30.51 10.37
N THR D 172 2.22 31.54 10.33
CA THR D 172 1.77 32.90 10.08
C THR D 172 1.86 33.15 8.58
N TYR D 173 0.71 33.42 7.96
CA TYR D 173 0.62 33.54 6.50
C TYR D 173 0.86 34.98 6.10
N LEU D 174 2.13 35.35 5.95
CA LEU D 174 2.48 36.69 5.49
C LEU D 174 3.66 36.59 4.53
N TYR D 175 3.59 37.34 3.43
CA TYR D 175 4.58 37.29 2.38
C TYR D 175 5.15 38.67 2.16
N TRP D 176 6.45 38.73 1.86
CA TRP D 176 7.15 39.99 1.59
C TRP D 176 7.65 39.97 0.15
N PHE D 177 7.31 40.99 -0.61
CA PHE D 177 7.75 41.13 -1.99
C PHE D 177 8.52 42.43 -2.17
N LEU D 178 9.54 42.39 -3.01
CA LEU D 178 10.34 43.55 -3.36
C LEU D 178 10.22 43.78 -4.85
N GLN D 179 9.84 45.00 -5.24
CA GLN D 179 9.78 45.40 -6.64
C GLN D 179 10.84 46.45 -6.90
N ARG D 180 11.71 46.19 -7.86
CA ARG D 180 12.75 47.13 -8.25
C ARG D 180 12.25 48.04 -9.36
N PRO D 181 12.88 49.19 -9.57
CA PRO D 181 12.42 50.12 -10.61
C PRO D 181 12.40 49.48 -11.98
N GLY D 182 11.21 49.37 -12.57
CA GLY D 182 11.05 48.86 -13.91
C GLY D 182 10.99 47.36 -14.05
N GLN D 183 11.01 46.62 -12.94
CA GLN D 183 11.00 45.17 -12.95
C GLN D 183 9.79 44.66 -12.18
N SER D 184 9.53 43.36 -12.32
CA SER D 184 8.42 42.72 -11.64
C SER D 184 8.79 42.36 -10.20
N PRO D 185 7.80 42.18 -9.34
CA PRO D 185 8.11 41.88 -7.94
C PRO D 185 8.84 40.56 -7.78
N GLN D 186 9.56 40.45 -6.66
CA GLN D 186 10.34 39.27 -6.33
C GLN D 186 10.03 38.85 -4.90
N LEU D 187 9.96 37.54 -4.66
CA LEU D 187 9.61 37.03 -3.35
C LEU D 187 10.83 36.99 -2.45
N LEU D 188 10.65 37.43 -1.20
CA LEU D 188 11.72 37.46 -0.21
C LEU D 188 11.45 36.55 0.98
N ILE D 189 10.30 36.70 1.63
CA ILE D 189 9.92 35.91 2.80
C ILE D 189 8.51 35.38 2.54
N TYR D 190 8.32 34.06 2.64
CA TYR D 190 7.04 33.54 2.17
C TYR D 190 6.01 33.26 3.26
N ARG D 191 6.37 32.91 4.49
CA ARG D 191 5.32 32.78 5.51
C ARG D 191 5.46 33.78 6.64
N MET D 192 6.53 33.75 7.40
CA MET D 192 6.89 34.91 8.21
C MET D 192 8.39 35.17 8.29
N SER D 193 9.21 34.14 8.12
CA SER D 193 10.65 34.30 8.26
C SER D 193 11.45 33.44 7.28
N ASN D 194 10.80 32.70 6.40
CA ASN D 194 11.50 31.76 5.53
C ASN D 194 12.11 32.51 4.36
N LEU D 195 13.41 32.32 4.15
CA LEU D 195 14.09 33.00 3.06
C LEU D 195 13.78 32.31 1.74
N ALA D 196 13.23 33.06 0.79
CA ALA D 196 12.97 32.51 -0.53
C ALA D 196 14.28 32.14 -1.21
N SER D 197 14.25 31.05 -1.97
CA SER D 197 15.46 30.55 -2.61
C SER D 197 16.06 31.62 -3.52
N GLY D 198 17.36 31.86 -3.38
CA GLY D 198 18.10 32.76 -4.23
C GLY D 198 18.35 34.13 -3.64
N VAL D 199 17.61 34.53 -2.62
CA VAL D 199 17.78 35.86 -2.03
C VAL D 199 18.93 35.80 -1.03
N PRO D 200 19.70 36.88 -0.86
CA PRO D 200 20.79 36.85 0.11
C PRO D 200 20.28 36.69 1.53
N ASP D 201 21.11 36.08 2.37
CA ASP D 201 20.72 35.79 3.74
C ASP D 201 20.65 37.03 4.62
N ARG D 202 20.97 38.21 4.09
CA ARG D 202 20.92 39.41 4.93
C ARG D 202 19.49 39.78 5.31
N PHE D 203 18.52 39.52 4.43
CA PHE D 203 17.13 39.79 4.75
C PHE D 203 16.66 38.88 5.89
N SER D 204 15.75 39.41 6.70
CA SER D 204 15.16 38.63 7.79
C SER D 204 13.75 39.13 8.04
N GLY D 205 12.94 38.26 8.63
CA GLY D 205 11.55 38.59 8.90
C GLY D 205 11.12 38.05 10.24
N SER D 206 10.25 38.80 10.90
CA SER D 206 9.77 38.43 12.23
C SER D 206 8.44 39.13 12.49
N GLY D 207 7.71 38.61 13.47
CA GLY D 207 6.44 39.19 13.84
C GLY D 207 5.70 38.27 14.79
N SER D 208 4.55 38.76 15.24
CA SER D 208 3.73 37.98 16.17
C SER D 208 2.29 38.43 16.06
N GLY D 209 1.44 37.59 15.46
CA GLY D 209 0.02 37.82 15.45
C GLY D 209 -0.45 38.85 14.44
N THR D 210 -0.18 40.13 14.71
CA THR D 210 -0.66 41.20 13.85
C THR D 210 0.39 42.27 13.58
N ALA D 211 1.59 42.15 14.15
CA ALA D 211 2.67 43.12 13.93
C ALA D 211 3.87 42.37 13.36
N PHE D 212 4.35 42.82 12.22
CA PHE D 212 5.45 42.16 11.53
C PHE D 212 6.49 43.21 11.12
N THR D 213 7.70 42.74 10.86
CA THR D 213 8.77 43.63 10.45
C THR D 213 9.77 42.87 9.59
N LEU D 214 10.20 43.51 8.50
CA LEU D 214 11.26 43.01 7.64
C LEU D 214 12.48 43.89 7.86
N THR D 215 13.60 43.27 8.25
CA THR D 215 14.82 44.00 8.56
C THR D 215 15.91 43.59 7.59
N ILE D 216 16.65 44.58 7.08
CA ILE D 216 17.74 44.37 6.14
C ILE D 216 19.03 44.80 6.82
N SER D 217 20.06 43.96 6.73
CA SER D 217 21.37 44.26 7.28
C SER D 217 22.38 44.43 6.15
N ARG D 218 23.29 45.39 6.31
CA ARG D 218 24.27 45.72 5.29
C ARG D 218 23.58 46.01 3.96
N LEU D 219 22.77 47.06 3.96
CA LEU D 219 22.01 47.42 2.76
C LEU D 219 22.95 47.65 1.59
N GLU D 220 22.56 47.16 0.43
CA GLU D 220 23.34 47.27 -0.80
C GLU D 220 22.68 48.26 -1.76
N ALA D 221 23.33 48.49 -2.88
CA ALA D 221 22.81 49.40 -3.89
C ALA D 221 21.67 48.81 -4.71
N GLU D 222 21.48 47.49 -4.66
CA GLU D 222 20.42 46.83 -5.39
C GLU D 222 19.16 46.62 -4.58
N ASP D 223 19.12 47.09 -3.34
CA ASP D 223 17.94 46.94 -2.49
C ASP D 223 16.97 48.10 -2.60
N VAL D 224 17.22 49.07 -3.49
CA VAL D 224 16.31 50.19 -3.65
C VAL D 224 15.08 49.73 -4.42
N GLY D 225 13.90 50.06 -3.88
CA GLY D 225 12.67 49.64 -4.51
C GLY D 225 11.50 49.86 -3.57
N VAL D 226 10.42 49.14 -3.82
CA VAL D 226 9.20 49.22 -3.02
C VAL D 226 8.92 47.85 -2.42
N TYR D 227 8.58 47.82 -1.14
CA TYR D 227 8.36 46.58 -0.41
C TYR D 227 6.88 46.44 -0.09
N TYR D 228 6.29 45.33 -0.52
CA TYR D 228 4.87 45.05 -0.30
C TYR D 228 4.75 43.87 0.64
N CYS D 229 3.77 43.93 1.54
CA CYS D 229 3.44 42.84 2.44
C CYS D 229 2.04 42.35 2.13
N MET D 230 1.89 41.04 1.97
CA MET D 230 0.66 40.42 1.54
C MET D 230 0.26 39.33 2.51
N GLN D 231 -1.05 39.15 2.69
CA GLN D 231 -1.60 38.11 3.55
C GLN D 231 -2.19 37.02 2.68
N HIS D 232 -1.84 35.77 2.97
CA HIS D 232 -2.40 34.62 2.27
C HIS D 232 -3.25 33.77 3.21
N LEU D 233 -3.83 34.37 4.25
CA LEU D 233 -4.63 33.60 5.19
C LEU D 233 -5.95 33.16 4.57
N GLU D 234 -6.61 34.04 3.84
CA GLU D 234 -7.89 33.70 3.23
C GLU D 234 -8.16 34.66 2.09
N TYR D 235 -8.87 34.18 1.07
CA TYR D 235 -9.15 35.01 -0.09
C TYR D 235 -10.24 36.04 0.24
N PRO D 236 -10.21 37.21 -0.41
CA PRO D 236 -9.26 37.64 -1.44
C PRO D 236 -7.91 38.05 -0.86
N LEU D 237 -6.82 37.74 -1.53
CA LEU D 237 -5.52 38.16 -1.05
C LEU D 237 -5.40 39.67 -1.11
N THR D 238 -4.81 40.25 -0.07
CA THR D 238 -4.69 41.70 0.05
C THR D 238 -3.23 42.07 0.24
N PHE D 239 -2.84 43.21 -0.33
CA PHE D 239 -1.49 43.72 -0.24
C PHE D 239 -1.46 44.95 0.65
N GLY D 240 -0.25 45.37 0.99
CA GLY D 240 -0.07 46.64 1.67
C GLY D 240 0.06 47.78 0.69
N ALA D 241 0.13 49.00 1.25
CA ALA D 241 0.30 50.18 0.41
C ALA D 241 1.66 50.17 -0.29
N GLY D 242 2.69 49.70 0.41
CA GLY D 242 4.04 49.66 -0.13
C GLY D 242 4.91 50.71 0.51
N THR D 243 6.15 50.33 0.81
CA THR D 243 7.14 51.22 1.40
C THR D 243 8.33 51.34 0.46
N LYS D 244 8.69 52.58 0.11
CA LYS D 244 9.73 52.83 -0.87
C LYS D 244 11.02 53.25 -0.18
N LEU D 245 12.13 52.70 -0.66
CA LEU D 245 13.46 53.04 -0.17
C LEU D 245 14.12 53.99 -1.17
N GLU D 246 14.62 55.11 -0.68
CA GLU D 246 15.25 56.13 -1.51
C GLU D 246 16.74 56.21 -1.20
N LEU D 247 17.55 56.28 -2.24
CA LEU D 247 19.00 56.38 -2.09
C LEU D 247 19.44 57.83 -2.24
N PRO E 113 -42.03 -29.46 19.07
CA PRO E 113 -41.46 -28.15 19.41
C PRO E 113 -39.95 -28.21 19.65
N ALA E 114 -39.46 -29.37 20.11
CA ALA E 114 -38.03 -29.52 20.35
C ALA E 114 -37.24 -29.37 19.06
N LEU E 115 -37.72 -29.98 17.97
CA LEU E 115 -37.05 -29.83 16.69
C LEU E 115 -37.11 -28.38 16.21
N TYR E 116 -38.24 -27.70 16.46
CA TYR E 116 -38.33 -26.29 16.10
C TYR E 116 -37.26 -25.48 16.83
N SER E 117 -37.16 -25.65 18.14
CA SER E 117 -36.13 -24.93 18.91
C SER E 117 -34.74 -25.36 18.49
N LEU E 118 -34.54 -26.65 18.25
CA LEU E 118 -33.24 -27.13 17.78
C LEU E 118 -32.88 -26.48 16.45
N LEU E 119 -33.86 -26.38 15.55
CA LEU E 119 -33.64 -25.65 14.31
C LEU E 119 -33.27 -24.20 14.60
N PHE E 120 -33.95 -23.58 15.57
CA PHE E 120 -33.66 -22.19 15.91
C PHE E 120 -32.21 -22.01 16.34
N LEU E 121 -31.74 -22.87 17.26
CA LEU E 121 -30.41 -22.69 17.81
C LEU E 121 -29.34 -22.84 16.73
N LEU E 122 -29.45 -23.89 15.91
CA LEU E 122 -28.43 -24.10 14.88
C LEU E 122 -28.42 -22.96 13.86
N GLY E 123 -29.60 -22.50 13.46
CA GLY E 123 -29.65 -21.41 12.49
C GLY E 123 -28.99 -20.15 13.01
N LEU E 124 -29.32 -19.78 14.26
CA LEU E 124 -28.69 -18.60 14.85
C LEU E 124 -27.18 -18.78 14.97
N LEU E 125 -26.75 -19.93 15.48
CA LEU E 125 -25.31 -20.16 15.67
C LEU E 125 -24.58 -20.19 14.34
N GLY E 126 -25.14 -20.87 13.36
CA GLY E 126 -24.49 -20.99 12.07
C GLY E 126 -24.33 -19.64 11.39
N ASN E 127 -25.45 -18.94 11.18
CA ASN E 127 -25.38 -17.64 10.52
C ASN E 127 -24.56 -16.64 11.32
N GLY E 128 -24.76 -16.61 12.64
CA GLY E 128 -24.06 -15.62 13.45
C GLY E 128 -22.55 -15.74 13.33
N ALA E 129 -22.04 -16.97 13.40
CA ALA E 129 -20.60 -17.17 13.25
C ALA E 129 -20.13 -16.71 11.88
N VAL E 130 -20.89 -17.03 10.84
CA VAL E 130 -20.50 -16.62 9.48
C VAL E 130 -20.42 -15.10 9.41
N ALA E 131 -21.43 -14.41 9.94
CA ALA E 131 -21.41 -12.95 9.93
C ALA E 131 -20.25 -12.41 10.77
N ALA E 132 -19.99 -13.03 11.92
CA ALA E 132 -18.89 -12.59 12.76
C ALA E 132 -17.55 -12.74 12.05
N VAL E 133 -17.35 -13.88 11.38
CA VAL E 133 -16.05 -14.15 10.75
C VAL E 133 -15.76 -13.11 9.68
N LEU E 134 -16.75 -12.84 8.81
CA LEU E 134 -16.52 -11.93 7.71
C LEU E 134 -16.30 -10.49 8.18
N LEU E 135 -16.91 -10.13 9.30
CA LEU E 135 -16.75 -8.79 9.87
C LEU E 135 -15.42 -8.62 10.61
N SER E 136 -14.66 -9.70 10.78
CA SER E 136 -13.37 -9.64 11.45
C SER E 136 -12.21 -9.47 10.47
N ARG E 137 -12.46 -8.91 9.30
CA ARG E 137 -11.41 -8.66 8.31
C ARG E 137 -11.03 -7.18 8.34
N ARG E 138 -9.74 -6.91 8.23
CA ARG E 138 -9.24 -5.54 8.26
C ARG E 138 -9.06 -4.95 6.86
N THR E 139 -9.40 -5.70 5.81
CA THR E 139 -9.21 -5.24 4.44
C THR E 139 -10.49 -5.52 3.66
N ALA E 140 -10.40 -5.36 2.34
CA ALA E 140 -11.57 -5.55 1.48
C ALA E 140 -12.03 -7.00 1.49
N LEU E 141 -13.30 -7.19 1.14
CA LEU E 141 -13.92 -8.51 1.09
C LEU E 141 -14.29 -8.84 -0.35
N SER E 142 -14.05 -10.08 -0.76
CA SER E 142 -14.37 -10.50 -2.11
C SER E 142 -15.87 -10.33 -2.38
N SER E 143 -16.21 -10.16 -3.65
CA SER E 143 -17.61 -9.96 -4.02
C SER E 143 -18.48 -11.07 -3.44
N THR E 144 -18.09 -12.33 -3.65
CA THR E 144 -18.84 -13.43 -3.08
C THR E 144 -18.83 -13.37 -1.55
N ASP E 145 -17.75 -12.88 -0.95
CA ASP E 145 -17.74 -12.74 0.50
C ASP E 145 -18.78 -11.72 0.96
N THR E 146 -18.88 -10.60 0.26
CA THR E 146 -19.90 -9.60 0.61
C THR E 146 -21.30 -10.17 0.46
N PHE E 147 -21.55 -10.87 -0.65
CA PHE E 147 -22.87 -11.45 -0.86
C PHE E 147 -23.18 -12.48 0.21
N LEU E 148 -22.18 -13.28 0.61
CA LEU E 148 -22.38 -14.27 1.65
C LEU E 148 -22.70 -13.60 2.99
N LEU E 149 -22.00 -12.50 3.30
CA LEU E 149 -22.30 -11.78 4.54
C LEU E 149 -23.72 -11.23 4.53
N HIS E 150 -24.14 -10.63 3.42
CA HIS E 150 -25.50 -10.12 3.33
C HIS E 150 -26.52 -11.24 3.45
N LEU E 151 -26.24 -12.38 2.81
CA LEU E 151 -27.15 -13.52 2.92
C LEU E 151 -27.24 -14.01 4.36
N ALA E 152 -26.10 -14.04 5.07
CA ALA E 152 -26.11 -14.48 6.46
C ALA E 152 -26.94 -13.53 7.31
N VAL E 153 -26.78 -12.22 7.11
CA VAL E 153 -27.57 -11.24 7.86
C VAL E 153 -29.06 -11.44 7.58
N ALA E 154 -29.41 -11.56 6.30
CA ALA E 154 -30.81 -11.72 5.94
C ALA E 154 -31.40 -12.99 6.53
N ASP E 155 -30.64 -14.08 6.49
CA ASP E 155 -31.14 -15.35 7.01
C ASP E 155 -31.27 -15.29 8.54
N THR E 156 -30.35 -14.60 9.21
CA THR E 156 -30.49 -14.43 10.65
C THR E 156 -31.77 -13.68 10.99
N LEU E 157 -32.02 -12.58 10.27
CA LEU E 157 -33.25 -11.83 10.51
C LEU E 157 -34.46 -12.69 10.22
N LEU E 158 -34.43 -13.49 9.16
CA LEU E 158 -35.56 -14.34 8.81
C LEU E 158 -35.82 -15.38 9.89
N VAL E 159 -34.77 -16.05 10.36
CA VAL E 159 -34.94 -17.09 11.38
C VAL E 159 -35.31 -16.51 12.72
N LEU E 160 -35.06 -15.21 12.95
CA LEU E 160 -35.49 -14.61 14.21
C LEU E 160 -36.99 -14.73 14.42
N THR E 161 -37.75 -14.93 13.35
CA THR E 161 -39.20 -15.04 13.44
C THR E 161 -39.70 -16.48 13.55
N LEU E 162 -38.80 -17.46 13.59
CA LEU E 162 -39.22 -18.86 13.65
C LEU E 162 -40.18 -19.15 14.78
N PRO E 163 -39.90 -18.78 16.04
CA PRO E 163 -40.87 -19.08 17.10
C PRO E 163 -42.24 -18.45 16.84
N LEU E 164 -42.26 -17.28 16.20
CA LEU E 164 -43.55 -16.67 15.88
C LEU E 164 -44.38 -17.57 14.98
N TRP E 165 -43.78 -18.05 13.88
CA TRP E 165 -44.50 -18.94 12.98
C TRP E 165 -44.88 -20.23 13.68
N ALA E 166 -43.99 -20.78 14.51
CA ALA E 166 -44.31 -22.01 15.21
C ALA E 166 -45.52 -21.83 16.12
N VAL E 167 -45.54 -20.73 16.87
CA VAL E 167 -46.67 -20.47 17.76
C VAL E 167 -47.95 -20.27 16.96
N ASP E 168 -47.88 -19.48 15.88
CA ASP E 168 -49.08 -19.20 15.10
C ASP E 168 -49.65 -20.47 14.50
N ALA E 169 -48.79 -21.32 13.94
CA ALA E 169 -49.26 -22.58 13.37
C ALA E 169 -49.69 -23.56 14.44
N ALA E 170 -49.21 -23.38 15.68
CA ALA E 170 -49.56 -24.29 16.76
C ALA E 170 -50.98 -24.05 17.24
N VAL E 171 -51.28 -22.84 17.74
CA VAL E 171 -52.59 -22.54 18.30
C VAL E 171 -53.26 -21.44 17.50
N GLN E 172 -52.68 -20.24 17.51
CA GLN E 172 -53.27 -19.10 16.81
C GLN E 172 -52.38 -17.88 17.01
N TRP E 173 -52.72 -16.81 16.29
CA TRP E 173 -52.07 -15.52 16.49
C TRP E 173 -52.69 -14.79 17.67
N VAL E 174 -51.84 -14.36 18.61
CA VAL E 174 -52.31 -13.65 19.80
C VAL E 174 -51.49 -12.39 20.04
N PHE E 175 -50.69 -11.99 19.04
CA PHE E 175 -49.78 -10.87 19.21
C PHE E 175 -50.29 -9.56 18.61
N GLY E 176 -51.51 -9.53 18.07
CA GLY E 176 -52.09 -8.31 17.58
C GLY E 176 -51.67 -7.98 16.16
N SER E 177 -52.27 -6.90 15.64
CA SER E 177 -52.06 -6.51 14.24
C SER E 177 -50.71 -5.83 14.03
N GLY E 178 -50.25 -5.01 14.98
CA GLY E 178 -48.98 -4.33 14.80
C GLY E 178 -47.83 -5.31 14.64
N LEU E 179 -47.79 -6.33 15.50
CA LEU E 179 -46.74 -7.32 15.40
C LEU E 179 -46.90 -8.13 14.12
N CYS E 180 -48.13 -8.37 13.68
CA CYS E 180 -48.33 -8.93 12.34
C CYS E 180 -47.63 -8.11 11.28
N LYS E 181 -47.87 -6.79 11.27
CA LYS E 181 -47.27 -5.96 10.23
C LYS E 181 -45.75 -6.03 10.30
N VAL E 182 -45.19 -5.89 11.51
CA VAL E 182 -43.74 -5.87 11.66
C VAL E 182 -43.13 -7.20 11.21
N ALA E 183 -43.68 -8.30 11.72
CA ALA E 183 -43.13 -9.62 11.38
C ALA E 183 -43.29 -9.93 9.90
N GLY E 184 -44.44 -9.58 9.31
CA GLY E 184 -44.62 -9.83 7.89
C GLY E 184 -43.66 -9.04 7.03
N ALA E 185 -43.44 -7.77 7.38
CA ALA E 185 -42.48 -6.98 6.64
C ALA E 185 -41.09 -7.59 6.75
N LEU E 186 -40.67 -7.92 7.98
CA LEU E 186 -39.38 -8.56 8.17
C LEU E 186 -39.25 -9.80 7.30
N PHE E 187 -40.28 -10.65 7.33
CA PHE E 187 -40.20 -11.94 6.65
C PHE E 187 -40.12 -11.77 5.15
N ASN E 188 -40.98 -10.93 4.58
CA ASN E 188 -40.96 -10.73 3.14
C ASN E 188 -39.64 -10.13 2.70
N ILE E 189 -39.15 -9.12 3.44
CA ILE E 189 -37.89 -8.50 3.07
C ILE E 189 -36.78 -9.54 3.05
N ASN E 190 -36.66 -10.33 4.12
CA ASN E 190 -35.56 -11.27 4.20
C ASN E 190 -35.71 -12.41 3.22
N PHE E 191 -36.95 -12.83 2.93
CA PHE E 191 -37.19 -13.88 1.94
C PHE E 191 -36.69 -13.45 0.56
N TYR E 192 -37.15 -12.28 0.10
CA TYR E 192 -36.73 -11.81 -1.21
C TYR E 192 -35.23 -11.52 -1.22
N ALA E 193 -34.68 -11.02 -0.11
CA ALA E 193 -33.25 -10.80 -0.03
C ALA E 193 -32.49 -12.11 -0.20
N GLY E 194 -32.93 -13.17 0.48
CA GLY E 194 -32.26 -14.44 0.34
C GLY E 194 -32.29 -14.96 -1.09
N ALA E 195 -33.47 -14.92 -1.71
CA ALA E 195 -33.57 -15.41 -3.08
C ALA E 195 -32.65 -14.64 -4.02
N LEU E 196 -32.77 -13.31 -4.00
CA LEU E 196 -31.97 -12.50 -4.91
C LEU E 196 -30.49 -12.60 -4.61
N LEU E 197 -30.12 -12.76 -3.34
CA LEU E 197 -28.70 -12.86 -3.00
C LEU E 197 -28.12 -14.19 -3.48
N LEU E 198 -28.89 -15.27 -3.38
CA LEU E 198 -28.42 -16.53 -3.94
C LEU E 198 -28.25 -16.41 -5.45
N ALA E 199 -29.20 -15.76 -6.14
CA ALA E 199 -29.04 -15.55 -7.57
C ALA E 199 -27.79 -14.74 -7.87
N CYS E 200 -27.55 -13.68 -7.10
CA CYS E 200 -26.37 -12.84 -7.33
C CYS E 200 -25.07 -13.61 -7.07
N ILE E 201 -25.06 -14.48 -6.06
CA ILE E 201 -23.88 -15.30 -5.80
C ILE E 201 -23.61 -16.22 -6.98
N SER E 202 -24.67 -16.86 -7.51
CA SER E 202 -24.48 -17.72 -8.66
C SER E 202 -23.96 -16.94 -9.86
N PHE E 203 -24.50 -15.74 -10.09
CA PHE E 203 -24.02 -14.92 -11.20
C PHE E 203 -22.56 -14.53 -11.01
N ASP E 204 -22.19 -14.19 -9.78
CA ASP E 204 -20.80 -13.83 -9.50
C ASP E 204 -19.87 -14.99 -9.78
N ARG E 205 -20.24 -16.20 -9.34
CA ARG E 205 -19.44 -17.38 -9.64
C ARG E 205 -19.34 -17.61 -11.15
N TYR E 206 -20.46 -17.46 -11.85
CA TYR E 206 -20.43 -17.60 -13.31
C TYR E 206 -19.43 -16.65 -13.94
N LEU E 207 -19.50 -15.38 -13.56
CA LEU E 207 -18.61 -14.39 -14.15
C LEU E 207 -17.16 -14.66 -13.80
N ASN E 208 -16.89 -15.18 -12.60
CA ASN E 208 -15.51 -15.40 -12.17
C ASN E 208 -14.94 -16.73 -12.64
N ILE E 209 -15.75 -17.64 -13.15
CA ILE E 209 -15.25 -18.93 -13.59
C ILE E 209 -15.43 -19.17 -15.08
N VAL E 210 -16.43 -18.59 -15.72
CA VAL E 210 -16.67 -18.78 -17.15
C VAL E 210 -15.96 -17.71 -17.96
N HIS E 211 -15.99 -16.46 -17.49
CA HIS E 211 -15.28 -15.35 -18.10
C HIS E 211 -14.09 -14.91 -17.28
N ALA E 212 -13.39 -15.85 -16.65
CA ALA E 212 -12.28 -15.50 -15.78
C ALA E 212 -11.18 -14.77 -16.53
N THR E 213 -10.94 -15.15 -17.78
CA THR E 213 -9.91 -14.47 -18.56
C THR E 213 -10.28 -13.01 -18.82
N GLN E 214 -11.54 -12.73 -19.14
CA GLN E 214 -11.95 -11.40 -19.55
C GLN E 214 -12.21 -10.47 -18.37
N LEU E 215 -12.29 -10.98 -17.14
CA LEU E 215 -12.48 -10.16 -15.97
C LEU E 215 -11.27 -10.20 -15.04
N TYR E 216 -10.10 -10.56 -15.57
CA TYR E 216 -8.92 -10.67 -14.72
C TYR E 216 -8.52 -9.32 -14.16
N ARG E 217 -8.19 -9.30 -12.88
CA ARG E 217 -7.76 -8.08 -12.20
C ARG E 217 -6.53 -8.40 -11.37
N ARG E 218 -5.60 -7.44 -11.30
CA ARG E 218 -4.33 -7.64 -10.60
C ARG E 218 -4.47 -7.25 -9.13
N GLY E 219 -5.47 -7.84 -8.48
CA GLY E 219 -5.67 -7.70 -7.07
C GLY E 219 -6.28 -6.39 -6.58
N PRO E 220 -7.15 -5.75 -7.36
CA PRO E 220 -7.99 -4.69 -6.80
C PRO E 220 -9.31 -5.25 -6.31
N PRO E 221 -9.77 -4.88 -5.12
CA PRO E 221 -11.06 -5.37 -4.64
C PRO E 221 -12.21 -4.61 -5.29
N ALA E 222 -12.88 -5.27 -6.23
CA ALA E 222 -14.01 -4.65 -6.92
C ALA E 222 -15.16 -4.45 -5.96
N ARG E 223 -15.62 -3.21 -5.80
CA ARG E 223 -16.72 -2.92 -4.90
C ARG E 223 -18.03 -3.37 -5.55
N VAL E 224 -18.91 -3.94 -4.73
CA VAL E 224 -20.17 -4.50 -5.21
C VAL E 224 -21.33 -4.00 -4.35
N THR E 225 -21.11 -2.91 -3.62
CA THR E 225 -22.13 -2.39 -2.73
C THR E 225 -23.37 -1.94 -3.49
N LEU E 226 -23.20 -1.51 -4.74
CA LEU E 226 -24.33 -1.03 -5.52
C LEU E 226 -25.41 -2.10 -5.65
N THR E 227 -25.01 -3.31 -6.04
CA THR E 227 -25.99 -4.37 -6.23
C THR E 227 -26.65 -4.75 -4.91
N CYS E 228 -25.88 -4.78 -3.81
CA CYS E 228 -26.46 -5.13 -2.52
C CYS E 228 -27.52 -4.11 -2.12
N LEU E 229 -27.20 -2.83 -2.24
CA LEU E 229 -28.16 -1.79 -1.88
C LEU E 229 -29.39 -1.85 -2.79
N ALA E 230 -29.18 -2.09 -4.09
CA ALA E 230 -30.32 -2.18 -5.00
C ALA E 230 -31.21 -3.35 -4.63
N VAL E 231 -30.62 -4.50 -4.31
CA VAL E 231 -31.40 -5.67 -3.92
C VAL E 231 -32.20 -5.37 -2.67
N TRP E 232 -31.57 -4.76 -1.67
CA TRP E 232 -32.27 -4.47 -0.43
C TRP E 232 -33.41 -3.49 -0.65
N GLY E 233 -33.18 -2.46 -1.47
CA GLY E 233 -34.24 -1.51 -1.76
C GLY E 233 -35.40 -2.16 -2.50
N LEU E 234 -35.10 -3.02 -3.48
CA LEU E 234 -36.16 -3.72 -4.19
C LEU E 234 -36.93 -4.62 -3.24
N CYS E 235 -36.24 -5.27 -2.31
CA CYS E 235 -36.93 -6.09 -1.32
C CYS E 235 -37.86 -5.26 -0.46
N LEU E 236 -37.39 -4.09 0.00
CA LEU E 236 -38.26 -3.24 0.82
C LEU E 236 -39.48 -2.79 0.04
N LEU E 237 -39.29 -2.42 -1.24
CA LEU E 237 -40.43 -1.97 -2.04
C LEU E 237 -41.39 -3.11 -2.31
N PHE E 238 -40.88 -4.34 -2.47
CA PHE E 238 -41.76 -5.49 -2.63
C PHE E 238 -42.55 -5.76 -1.36
N ALA E 239 -41.92 -5.57 -0.20
CA ALA E 239 -42.55 -5.86 1.08
C ALA E 239 -43.48 -4.75 1.56
N LEU E 240 -43.39 -3.56 0.97
CA LEU E 240 -44.26 -2.44 1.31
C LEU E 240 -45.69 -2.86 1.63
N PRO E 241 -46.33 -3.67 0.79
CA PRO E 241 -47.73 -4.04 1.08
C PRO E 241 -47.94 -4.67 2.45
N ASP E 242 -46.93 -5.36 3.00
CA ASP E 242 -47.09 -5.96 4.32
C ASP E 242 -47.34 -4.89 5.37
N PHE E 243 -46.61 -3.77 5.31
CA PHE E 243 -46.78 -2.72 6.31
C PHE E 243 -48.19 -2.16 6.35
N ILE E 244 -48.95 -2.29 5.26
CA ILE E 244 -50.23 -1.61 5.13
C ILE E 244 -51.41 -2.56 5.26
N PHE E 245 -51.32 -3.75 4.66
CA PHE E 245 -52.49 -4.59 4.46
C PHE E 245 -52.56 -5.79 5.40
N LEU E 246 -51.43 -6.37 5.77
CA LEU E 246 -51.44 -7.50 6.68
C LEU E 246 -52.07 -7.11 8.01
N SER E 247 -52.95 -7.97 8.52
CA SER E 247 -53.62 -7.74 9.80
C SER E 247 -54.10 -9.09 10.34
N ALA E 248 -54.93 -9.03 11.38
CA ALA E 248 -55.49 -10.21 12.02
C ALA E 248 -56.97 -10.29 11.69
N HIS E 249 -57.43 -11.48 11.30
CA HIS E 249 -58.82 -11.70 10.90
C HIS E 249 -59.42 -12.87 11.67
N HIS E 250 -60.71 -12.77 11.93
CA HIS E 250 -61.47 -13.82 12.60
C HIS E 250 -62.22 -14.60 11.53
N ASP E 251 -61.67 -15.75 11.15
CA ASP E 251 -62.27 -16.57 10.11
C ASP E 251 -63.48 -17.34 10.64
N GLU E 252 -64.41 -17.64 9.73
CA GLU E 252 -65.57 -18.47 10.02
C GLU E 252 -65.44 -19.87 9.46
N ARG E 253 -64.34 -20.18 8.78
CA ARG E 253 -64.18 -21.51 8.18
C ARG E 253 -63.49 -22.48 9.14
N LEU E 254 -62.51 -22.01 9.90
CA LEU E 254 -61.78 -22.85 10.83
C LEU E 254 -62.03 -22.52 12.30
N ASN E 255 -62.73 -21.43 12.59
CA ASN E 255 -63.02 -21.01 13.96
C ASN E 255 -61.74 -20.68 14.73
N ALA E 256 -60.65 -20.38 14.02
CA ALA E 256 -59.38 -20.02 14.62
C ALA E 256 -59.07 -18.56 14.33
N THR E 257 -57.87 -18.14 14.71
CA THR E 257 -57.40 -16.78 14.45
C THR E 257 -56.00 -16.87 13.87
N HIS E 258 -55.86 -16.50 12.59
CA HIS E 258 -54.58 -16.47 11.90
C HIS E 258 -54.32 -15.05 11.42
N CYS E 259 -53.09 -14.82 10.96
CA CYS E 259 -52.72 -13.56 10.33
C CYS E 259 -52.72 -13.76 8.82
N GLN E 260 -53.47 -12.90 8.12
CA GLN E 260 -53.73 -13.08 6.70
C GLN E 260 -53.88 -11.72 6.04
N TYR E 261 -54.06 -11.73 4.73
CA TYR E 261 -54.30 -10.52 3.97
C TYR E 261 -55.78 -10.16 4.00
N ASN E 262 -56.08 -8.90 3.64
CA ASN E 262 -57.46 -8.45 3.50
C ASN E 262 -57.71 -7.92 2.09
N PHE E 263 -56.85 -8.28 1.15
CA PHE E 263 -57.03 -7.91 -0.24
C PHE E 263 -58.19 -8.71 -0.84
N PRO E 264 -58.75 -8.24 -1.95
CA PRO E 264 -59.73 -9.06 -2.68
C PRO E 264 -59.08 -10.30 -3.25
N GLN E 265 -59.90 -11.32 -3.49
CA GLN E 265 -59.37 -12.58 -3.99
C GLN E 265 -58.52 -12.37 -5.24
N VAL E 266 -58.92 -11.41 -6.09
CA VAL E 266 -58.12 -11.08 -7.26
C VAL E 266 -56.77 -10.52 -6.83
N GLY E 267 -56.77 -9.64 -5.83
CA GLY E 267 -55.51 -9.12 -5.32
C GLY E 267 -54.65 -10.21 -4.71
N ARG E 268 -55.27 -11.15 -3.99
CA ARG E 268 -54.52 -12.28 -3.46
C ARG E 268 -53.88 -13.09 -4.57
N THR E 269 -54.63 -13.35 -5.65
CA THR E 269 -54.07 -14.09 -6.77
C THR E 269 -52.90 -13.34 -7.40
N ALA E 270 -53.05 -12.02 -7.58
CA ALA E 270 -51.98 -11.23 -8.16
C ALA E 270 -50.73 -11.27 -7.28
N LEU E 271 -50.91 -11.13 -5.97
CA LEU E 271 -49.75 -11.15 -5.07
C LEU E 271 -49.09 -12.52 -5.07
N ARG E 272 -49.88 -13.60 -5.08
CA ARG E 272 -49.30 -14.93 -5.12
C ARG E 272 -48.52 -15.15 -6.40
N VAL E 273 -49.05 -14.69 -7.53
CA VAL E 273 -48.34 -14.83 -8.79
C VAL E 273 -47.04 -14.03 -8.76
N LEU E 274 -47.09 -12.82 -8.19
CA LEU E 274 -45.87 -12.02 -8.07
C LEU E 274 -44.83 -12.75 -7.24
N GLN E 275 -45.25 -13.32 -6.10
CA GLN E 275 -44.31 -14.06 -5.27
C GLN E 275 -43.71 -15.22 -6.04
N LEU E 276 -44.54 -15.99 -6.73
CA LEU E 276 -44.06 -17.15 -7.46
C LEU E 276 -43.05 -16.75 -8.54
N VAL E 277 -43.35 -15.68 -9.28
CA VAL E 277 -42.53 -15.32 -10.43
C VAL E 277 -41.33 -14.45 -10.07
N ALA E 278 -41.29 -13.88 -8.86
CA ALA E 278 -40.18 -13.03 -8.47
C ALA E 278 -39.34 -13.59 -7.34
N GLY E 279 -39.74 -14.70 -6.73
CA GLY E 279 -38.97 -15.28 -5.66
C GLY E 279 -38.42 -16.66 -6.01
N PHE E 280 -39.09 -17.36 -6.93
CA PHE E 280 -38.71 -18.71 -7.28
C PHE E 280 -38.26 -18.83 -8.73
N LEU E 281 -39.09 -18.44 -9.69
CA LEU E 281 -38.80 -18.75 -11.09
C LEU E 281 -37.53 -18.05 -11.55
N LEU E 282 -37.43 -16.73 -11.36
CA LEU E 282 -36.26 -16.02 -11.86
C LEU E 282 -34.99 -16.47 -11.15
N PRO E 283 -34.93 -16.54 -9.81
CA PRO E 283 -33.72 -17.07 -9.19
C PRO E 283 -33.39 -18.48 -9.64
N LEU E 284 -34.41 -19.33 -9.81
CA LEU E 284 -34.14 -20.70 -10.23
C LEU E 284 -33.53 -20.74 -11.63
N LEU E 285 -34.08 -19.96 -12.56
CA LEU E 285 -33.53 -19.94 -13.91
C LEU E 285 -32.11 -19.39 -13.92
N VAL E 286 -31.87 -18.31 -13.18
CA VAL E 286 -30.54 -17.73 -13.15
C VAL E 286 -29.53 -18.74 -12.60
N MET E 287 -29.89 -19.39 -11.49
CA MET E 287 -29.00 -20.37 -10.90
C MET E 287 -28.75 -21.52 -11.87
N ALA E 288 -29.80 -22.03 -12.51
CA ALA E 288 -29.63 -23.14 -13.43
C ALA E 288 -28.66 -22.78 -14.55
N TYR E 289 -28.90 -21.64 -15.21
CA TYR E 289 -28.01 -21.22 -16.30
C TYR E 289 -26.58 -21.09 -15.80
N CYS E 290 -26.37 -20.32 -14.74
CA CYS E 290 -25.02 -20.03 -14.27
C CYS E 290 -24.30 -21.31 -13.88
N TYR E 291 -24.91 -22.14 -13.04
CA TYR E 291 -24.21 -23.32 -12.54
C TYR E 291 -24.05 -24.38 -13.63
N ALA E 292 -25.00 -24.50 -14.55
CA ALA E 292 -24.81 -25.44 -15.64
C ALA E 292 -23.62 -25.05 -16.50
N HIS E 293 -23.48 -23.75 -16.80
CA HIS E 293 -22.32 -23.33 -17.58
C HIS E 293 -21.03 -23.47 -16.78
N ILE E 294 -21.09 -23.26 -15.47
CA ILE E 294 -19.90 -23.48 -14.63
C ILE E 294 -19.48 -24.94 -14.71
N LEU E 295 -20.44 -25.86 -14.62
CA LEU E 295 -20.12 -27.27 -14.75
C LEU E 295 -19.53 -27.58 -16.11
N ALA E 296 -20.13 -27.03 -17.18
CA ALA E 296 -19.62 -27.29 -18.51
C ALA E 296 -18.17 -26.84 -18.65
N VAL E 297 -17.85 -25.65 -18.15
CA VAL E 297 -16.48 -25.16 -18.26
C VAL E 297 -15.53 -26.00 -17.40
N LEU E 298 -15.96 -26.35 -16.18
CA LEU E 298 -15.07 -27.10 -15.30
C LEU E 298 -14.74 -28.47 -15.87
N LEU E 299 -15.73 -29.15 -16.45
CA LEU E 299 -15.49 -30.50 -16.97
C LEU E 299 -14.47 -30.52 -18.10
N VAL E 300 -14.19 -29.39 -18.74
CA VAL E 300 -13.21 -29.32 -19.81
C VAL E 300 -11.96 -28.56 -19.39
N SER E 301 -11.65 -28.56 -18.09
CA SER E 301 -10.48 -27.89 -17.56
C SER E 301 -9.45 -28.94 -17.14
N ARG E 302 -8.33 -28.48 -16.58
CA ARG E 302 -7.25 -29.36 -16.14
C ARG E 302 -6.83 -28.93 -14.74
N GLY E 303 -6.98 -29.83 -13.78
CA GLY E 303 -6.58 -29.53 -12.41
C GLY E 303 -7.10 -30.57 -11.46
N GLN E 304 -6.63 -30.47 -10.22
CA GLN E 304 -7.05 -31.35 -9.13
C GLN E 304 -8.16 -30.74 -8.28
N ARG E 305 -8.64 -29.55 -8.64
CA ARG E 305 -9.67 -28.86 -7.88
C ARG E 305 -11.03 -28.90 -8.56
N ARG E 306 -11.08 -29.29 -9.84
CA ARG E 306 -12.35 -29.28 -10.56
C ARG E 306 -13.35 -30.29 -10.00
N LEU E 307 -12.85 -31.41 -9.46
CA LEU E 307 -13.75 -32.43 -8.94
C LEU E 307 -14.62 -31.89 -7.82
N ARG E 308 -13.99 -31.29 -6.80
CA ARG E 308 -14.76 -30.75 -5.69
C ARG E 308 -15.63 -29.60 -6.13
N ALA E 309 -15.17 -28.80 -7.10
CA ALA E 309 -16.00 -27.71 -7.60
C ALA E 309 -17.29 -28.24 -8.20
N MET E 310 -17.19 -29.24 -9.09
CA MET E 310 -18.39 -29.83 -9.67
C MET E 310 -19.28 -30.42 -8.59
N ARG E 311 -18.69 -31.16 -7.65
CA ARG E 311 -19.52 -31.79 -6.63
C ARG E 311 -20.26 -30.75 -5.81
N LEU E 312 -19.58 -29.68 -5.40
CA LEU E 312 -20.21 -28.65 -4.60
C LEU E 312 -21.31 -27.95 -5.38
N VAL E 313 -21.06 -27.65 -6.67
CA VAL E 313 -22.08 -26.97 -7.45
C VAL E 313 -23.32 -27.83 -7.60
N VAL E 314 -23.13 -29.12 -7.88
CA VAL E 314 -24.29 -30.00 -8.01
C VAL E 314 -25.04 -30.09 -6.70
N VAL E 315 -24.30 -30.20 -5.58
CA VAL E 315 -24.96 -30.29 -4.28
C VAL E 315 -25.78 -29.04 -4.01
N VAL E 316 -25.22 -27.86 -4.30
CA VAL E 316 -25.93 -26.62 -4.02
C VAL E 316 -27.19 -26.54 -4.87
N VAL E 317 -27.08 -26.86 -6.16
CA VAL E 317 -28.25 -26.77 -7.03
C VAL E 317 -29.33 -27.74 -6.56
N VAL E 318 -28.94 -28.97 -6.24
CA VAL E 318 -29.92 -29.95 -5.79
C VAL E 318 -30.59 -29.49 -4.50
N ALA E 319 -29.81 -28.99 -3.56
CA ALA E 319 -30.37 -28.52 -2.31
C ALA E 319 -31.39 -27.42 -2.55
N PHE E 320 -31.01 -26.40 -3.33
CA PHE E 320 -31.93 -25.30 -3.60
C PHE E 320 -33.21 -25.81 -4.24
N ALA E 321 -33.09 -26.64 -5.28
CA ALA E 321 -34.28 -27.11 -5.98
C ALA E 321 -35.18 -27.90 -5.03
N LEU E 322 -34.63 -28.89 -4.35
CA LEU E 322 -35.43 -29.79 -3.54
C LEU E 322 -35.86 -29.17 -2.22
N CYS E 323 -35.38 -27.97 -1.88
CA CYS E 323 -35.86 -27.27 -0.69
C CYS E 323 -36.82 -26.14 -1.00
N TRP E 324 -36.79 -25.58 -2.21
CA TRP E 324 -37.67 -24.47 -2.55
C TRP E 324 -38.84 -24.90 -3.43
N THR E 325 -38.66 -25.88 -4.31
CA THR E 325 -39.74 -26.30 -5.19
C THR E 325 -41.01 -26.69 -4.46
N PRO E 326 -40.96 -27.41 -3.34
CA PRO E 326 -42.23 -27.84 -2.70
C PRO E 326 -43.12 -26.68 -2.28
N TYR E 327 -42.57 -25.68 -1.61
CA TYR E 327 -43.40 -24.57 -1.11
C TYR E 327 -44.05 -23.82 -2.26
N HIS E 328 -43.28 -23.47 -3.28
CA HIS E 328 -43.85 -22.74 -4.40
C HIS E 328 -44.78 -23.63 -5.22
N LEU E 329 -44.56 -24.95 -5.20
CA LEU E 329 -45.51 -25.86 -5.82
C LEU E 329 -46.86 -25.80 -5.10
N VAL E 330 -46.83 -25.77 -3.77
CA VAL E 330 -48.07 -25.65 -3.01
C VAL E 330 -48.72 -24.30 -3.28
N VAL E 331 -47.92 -23.25 -3.41
CA VAL E 331 -48.46 -21.92 -3.73
C VAL E 331 -49.14 -21.96 -5.10
N LEU E 332 -48.51 -22.61 -6.08
CA LEU E 332 -49.13 -22.74 -7.39
C LEU E 332 -50.42 -23.55 -7.31
N VAL E 333 -50.44 -24.58 -6.46
CA VAL E 333 -51.67 -25.35 -6.28
C VAL E 333 -52.78 -24.46 -5.76
N ASP E 334 -52.46 -23.62 -4.77
CA ASP E 334 -53.46 -22.71 -4.22
C ASP E 334 -53.91 -21.69 -5.28
N ILE E 335 -52.98 -21.20 -6.09
CA ILE E 335 -53.34 -20.27 -7.15
C ILE E 335 -54.31 -20.93 -8.13
N LEU E 336 -54.01 -22.17 -8.52
CA LEU E 336 -54.90 -22.88 -9.42
C LEU E 336 -56.27 -23.11 -8.80
N MET E 337 -56.31 -23.45 -7.51
CA MET E 337 -57.58 -23.65 -6.83
C MET E 337 -58.38 -22.36 -6.80
N ASP E 338 -57.73 -21.22 -6.60
CA ASP E 338 -58.40 -19.93 -6.58
C ASP E 338 -58.72 -19.40 -7.97
N LEU E 339 -58.12 -19.96 -9.01
CA LEU E 339 -58.37 -19.55 -10.38
C LEU E 339 -59.47 -20.36 -11.06
N GLY E 340 -60.06 -21.33 -10.36
CA GLY E 340 -61.09 -22.17 -10.93
C GLY E 340 -60.58 -23.39 -11.66
N ALA E 341 -59.26 -23.55 -11.81
CA ALA E 341 -58.73 -24.72 -12.49
C ALA E 341 -58.86 -25.99 -11.64
N LEU E 342 -59.12 -25.85 -10.34
CA LEU E 342 -59.28 -26.98 -9.45
C LEU E 342 -60.50 -26.76 -8.56
N ALA E 343 -61.06 -27.86 -8.07
CA ALA E 343 -62.26 -27.82 -7.24
C ALA E 343 -61.89 -27.71 -5.77
N ARG E 344 -62.65 -26.91 -5.03
CA ARG E 344 -62.45 -26.71 -3.61
C ARG E 344 -63.25 -27.74 -2.81
N ASN E 345 -62.61 -28.36 -1.83
CA ASN E 345 -63.28 -29.28 -0.93
C ASN E 345 -62.49 -29.36 0.37
N CYS E 346 -63.15 -29.90 1.40
CA CYS E 346 -62.54 -29.94 2.72
C CYS E 346 -61.25 -30.75 2.71
N GLY E 347 -61.27 -31.92 2.08
CA GLY E 347 -60.08 -32.76 2.05
C GLY E 347 -58.93 -32.11 1.31
N ARG E 348 -59.22 -31.53 0.14
CA ARG E 348 -58.17 -30.86 -0.63
C ARG E 348 -57.58 -29.70 0.17
N GLU E 349 -58.43 -28.91 0.82
CA GLU E 349 -57.94 -27.78 1.61
C GLU E 349 -57.09 -28.25 2.78
N SER E 350 -57.51 -29.31 3.46
CA SER E 350 -56.73 -29.83 4.58
C SER E 350 -55.37 -30.32 4.09
N ARG E 351 -55.35 -31.04 2.96
CA ARG E 351 -54.08 -31.49 2.41
C ARG E 351 -53.20 -30.31 2.03
N VAL E 352 -53.80 -29.25 1.49
CA VAL E 352 -53.04 -28.06 1.11
C VAL E 352 -52.42 -27.43 2.35
N ASP E 353 -53.16 -27.35 3.44
CA ASP E 353 -52.63 -26.77 4.67
C ASP E 353 -51.49 -27.62 5.23
N VAL E 354 -51.65 -28.94 5.20
CA VAL E 354 -50.58 -29.81 5.67
C VAL E 354 -49.33 -29.62 4.82
N ALA E 355 -49.51 -29.53 3.51
CA ALA E 355 -48.37 -29.30 2.62
C ALA E 355 -47.72 -27.96 2.92
N LYS E 356 -48.52 -26.92 3.16
CA LYS E 356 -47.97 -25.63 3.57
C LYS E 356 -47.07 -25.80 4.78
N SER E 357 -47.56 -26.48 5.82
CA SER E 357 -46.78 -26.62 7.04
C SER E 357 -45.47 -27.36 6.78
N VAL E 358 -45.55 -28.51 6.09
CA VAL E 358 -44.35 -29.31 5.87
C VAL E 358 -43.34 -28.55 5.01
N THR E 359 -43.83 -27.87 3.96
CA THR E 359 -42.95 -27.12 3.08
C THR E 359 -42.28 -25.96 3.82
N SER E 360 -43.02 -25.29 4.71
CA SER E 360 -42.41 -24.23 5.50
C SER E 360 -41.32 -24.80 6.41
N GLY E 361 -41.57 -25.96 7.00
CA GLY E 361 -40.52 -26.60 7.78
C GLY E 361 -39.29 -26.88 6.95
N LEU E 362 -39.49 -27.40 5.74
CA LEU E 362 -38.36 -27.67 4.86
C LEU E 362 -37.61 -26.40 4.50
N GLY E 363 -38.34 -25.31 4.27
CA GLY E 363 -37.71 -24.04 3.97
C GLY E 363 -36.85 -23.54 5.12
N TYR E 364 -37.38 -23.63 6.34
CA TYR E 364 -36.58 -23.23 7.50
C TYR E 364 -35.35 -24.11 7.63
N MET E 365 -35.49 -25.40 7.32
CA MET E 365 -34.33 -26.29 7.34
C MET E 365 -33.28 -25.83 6.32
N HIS E 366 -33.72 -25.46 5.12
CA HIS E 366 -32.78 -24.94 4.14
C HIS E 366 -32.10 -23.68 4.64
N CYS E 367 -32.86 -22.80 5.30
CA CYS E 367 -32.27 -21.57 5.80
C CYS E 367 -31.21 -21.85 6.85
N CYS E 368 -31.47 -22.83 7.73
CA CYS E 368 -30.46 -23.19 8.72
C CYS E 368 -29.25 -23.87 8.08
N LEU E 369 -29.48 -24.61 6.98
CA LEU E 369 -28.38 -25.28 6.30
C LEU E 369 -27.52 -24.34 5.49
N ASN E 370 -28.08 -23.20 5.06
CA ASN E 370 -27.38 -22.30 4.15
C ASN E 370 -25.94 -21.99 4.56
N PRO E 371 -25.64 -21.66 5.81
CA PRO E 371 -24.25 -21.42 6.19
C PRO E 371 -23.33 -22.58 5.87
N LEU E 372 -23.80 -23.81 6.04
CA LEU E 372 -22.96 -24.97 5.80
C LEU E 372 -22.69 -25.17 4.31
N LEU E 373 -23.69 -24.92 3.46
CA LEU E 373 -23.59 -25.22 2.04
C LEU E 373 -22.93 -24.11 1.23
N TYR E 374 -22.61 -22.98 1.85
CA TYR E 374 -22.07 -21.84 1.11
C TYR E 374 -20.81 -21.26 1.71
N ALA E 375 -20.58 -21.42 3.01
CA ALA E 375 -19.47 -20.78 3.70
C ALA E 375 -18.46 -21.78 4.24
N PHE E 376 -18.91 -22.77 5.02
CA PHE E 376 -17.99 -23.64 5.74
C PHE E 376 -17.25 -24.61 4.84
N VAL E 377 -17.67 -24.77 3.58
CA VAL E 377 -16.98 -25.70 2.69
C VAL E 377 -15.77 -25.06 2.02
N GLY E 378 -15.67 -23.74 2.01
CA GLY E 378 -14.55 -23.08 1.36
C GLY E 378 -13.33 -23.03 2.26
N VAL E 379 -12.16 -23.27 1.65
CA VAL E 379 -10.90 -23.23 2.41
C VAL E 379 -10.67 -21.83 2.95
N LYS E 380 -10.93 -20.81 2.14
CA LYS E 380 -10.73 -19.43 2.57
C LYS E 380 -11.50 -19.14 3.85
N PHE E 381 -12.79 -19.50 3.87
CA PHE E 381 -13.62 -19.21 5.04
C PHE E 381 -13.15 -20.01 6.25
N ARG E 382 -12.76 -21.27 6.05
CA ARG E 382 -12.28 -22.08 7.17
C ARG E 382 -11.02 -21.49 7.78
N GLU E 383 -10.07 -21.06 6.93
CA GLU E 383 -8.87 -20.42 7.44
C GLU E 383 -9.19 -19.13 8.17
N ARG E 384 -10.13 -18.34 7.63
CA ARG E 384 -10.54 -17.12 8.32
C ARG E 384 -11.10 -17.44 9.69
N MET E 385 -11.95 -18.46 9.78
CA MET E 385 -12.56 -18.82 11.05
C MET E 385 -11.50 -19.28 12.05
N TRP E 386 -10.56 -20.11 11.60
CA TRP E 386 -9.50 -20.57 12.50
C TRP E 386 -8.64 -19.41 12.98
N MET E 387 -8.29 -18.49 12.08
CA MET E 387 -7.48 -17.34 12.49
C MET E 387 -8.23 -16.48 13.49
N LEU E 388 -9.53 -16.26 13.26
CA LEU E 388 -10.31 -15.46 14.20
C LEU E 388 -10.39 -16.14 15.56
N LEU E 389 -10.59 -17.46 15.58
CA LEU E 389 -10.65 -18.18 16.86
C LEU E 389 -9.31 -18.09 17.59
N LEU E 390 -8.20 -18.17 16.84
CA LEU E 390 -6.89 -18.05 17.48
C LEU E 390 -6.73 -16.70 18.15
N ARG E 391 -7.17 -15.63 17.49
CA ARG E 391 -7.08 -14.29 18.05
C ARG E 391 -8.02 -14.16 19.25
C4 A1LW2 F . -45.54 -14.08 7.26
C5 A1LW2 F . -46.13 -15.30 6.62
C6 A1LW2 F . -46.46 -16.31 7.40
C7 A1LW2 F . -46.63 -16.01 8.88
C8 A1LW2 F . -47.29 -14.61 8.96
C13 A1LW2 F . -44.40 -17.94 6.16
C15 A1LW2 F . -43.13 -18.27 4.02
C17 A1LW2 F . -41.34 -19.87 3.81
C20 A1LW2 F . -40.22 -20.48 3.03
C21 A1LW2 F . -40.53 -21.31 1.95
C22 A1LW2 F . -39.54 -21.91 1.19
C24 A1LW2 F . -37.87 -20.87 2.56
C1 A1LW2 F . -43.97 -15.88 9.00
C11 A1LW2 F . -46.24 -17.54 4.52
C12 A1LW2 F . -46.08 -19.70 5.65
C14 A1LW2 F . -43.39 -18.67 5.32
C16 A1LW2 F . -42.12 -18.86 3.27
C18 A1LW2 F . -41.61 -20.28 5.11
C19 A1LW2 F . -42.62 -19.68 5.85
C2 A1LW2 F . -45.33 -15.34 9.46
C23 A1LW2 F . -38.21 -21.69 1.50
C25 A1LW2 F . -38.87 -20.27 3.32
C27 A1LW2 F . -45.32 -15.23 10.98
C3 A1LW2 F . -45.85 -14.06 8.76
C9 A1LW2 F . -46.73 -17.72 6.93
I26 A1LW2 F . -38.27 -19.06 4.92
N10 A1LW2 F . -45.87 -18.22 5.81
#